data_4FFA
#
_entry.id   4FFA
#
_cell.length_a   64.752
_cell.length_b   128.472
_cell.length_c   139.332
_cell.angle_alpha   90.00
_cell.angle_beta   90.00
_cell.angle_gamma   90.00
#
_symmetry.space_group_name_H-M   'P 21 21 21'
#
loop_
_entity.id
_entity.type
_entity.pdbx_description
1 polymer 'Rv3406 alkyl sulfatase'
2 non-polymer 'NITRATE ION'
3 water water
#
_entity_poly.entity_id   1
_entity_poly.type   'polypeptide(L)'
_entity_poly.pdbx_seq_one_letter_code
;GSHMTDLITVKKLGSRIGAQIDGVRLGGDLDPAAVNEIRAALLAHKVVFFRGQHQLDDAEQLAFAGLLGTPIGHPAAIAL
ADDAPIITPINSEFGKANRWHTDVTFAANYPAASVLRAVSLPSYGGSTLWANTAAAYAELPEPLKCLTENLWALHTNRYD
YVTTKPLTAAQRAFRQVFEKPDFRTEHPVVRVHPETGERTLLAGDFVRSFVGLDSHESRVLFEVLQRRITMPENTIRWNW
APGDVAIWDNRATQHRAIDDYDDQHRLMHRVTLMGDVPVDVYGQASRVISGAPMEIAG
;
_entity_poly.pdbx_strand_id   A,B,C,D
#
loop_
_chem_comp.id
_chem_comp.type
_chem_comp.name
_chem_comp.formula
NO3 non-polymer 'NITRATE ION' 'N O3 -1'
#
# COMPACT_ATOMS: atom_id res chain seq x y z
N ILE A 8 43.06 19.02 -10.32
CA ILE A 8 42.06 18.63 -9.32
C ILE A 8 41.64 17.17 -9.48
N THR A 9 41.53 16.46 -8.35
CA THR A 9 41.09 15.08 -8.35
C THR A 9 39.66 14.91 -7.86
N VAL A 10 38.88 14.19 -8.65
CA VAL A 10 37.54 13.80 -8.24
C VAL A 10 37.46 12.29 -8.32
N LYS A 11 37.22 11.67 -7.18
CA LYS A 11 37.07 10.22 -7.15
C LYS A 11 35.60 9.84 -6.99
N LYS A 12 35.14 8.89 -7.80
CA LYS A 12 33.78 8.40 -7.70
C LYS A 12 33.61 7.66 -6.38
N LEU A 13 32.49 7.88 -5.69
CA LEU A 13 32.22 7.21 -4.40
C LEU A 13 31.17 6.14 -4.60
N GLY A 14 30.39 6.29 -5.65
CA GLY A 14 29.34 5.35 -5.98
C GLY A 14 29.09 5.39 -7.47
N SER A 15 28.44 4.36 -7.98
CA SER A 15 28.18 4.26 -9.40
C SER A 15 27.12 5.28 -9.88
N ARG A 16 26.20 5.65 -9.00
CA ARG A 16 25.08 6.50 -9.39
C ARG A 16 25.13 7.88 -8.75
N ILE A 17 25.99 8.07 -7.77
CA ILE A 17 25.99 9.32 -7.02
C ILE A 17 27.17 9.38 -6.07
N GLY A 18 27.63 10.61 -5.83
CA GLY A 18 28.70 10.86 -4.88
C GLY A 18 30.07 10.94 -5.52
N ALA A 19 30.91 11.82 -5.00
CA ALA A 19 32.30 11.94 -5.42
C ALA A 19 33.09 12.80 -4.45
N GLN A 20 34.34 12.41 -4.22
CA GLN A 20 35.21 13.16 -3.34
C GLN A 20 36.18 13.98 -4.17
N ILE A 21 36.54 15.14 -3.63
CA ILE A 21 37.43 16.05 -4.34
C ILE A 21 38.57 16.49 -3.43
N ASP A 22 39.80 16.26 -3.86
CA ASP A 22 40.95 16.72 -3.11
C ASP A 22 41.86 17.54 -4.00
N GLY A 23 42.95 18.04 -3.44
CA GLY A 23 43.85 18.92 -4.18
C GLY A 23 43.20 20.27 -4.30
N VAL A 24 42.28 20.56 -3.40
CA VAL A 24 41.56 21.83 -3.44
C VAL A 24 41.38 22.39 -2.04
N ARG A 25 41.97 23.57 -1.84
CA ARG A 25 41.79 24.31 -0.60
C ARG A 25 40.65 25.29 -0.79
N LEU A 26 39.45 24.87 -0.38
CA LEU A 26 38.24 25.65 -0.60
C LEU A 26 38.33 27.07 -0.03
N GLY A 27 38.00 28.05 -0.87
CA GLY A 27 38.00 29.44 -0.46
C GLY A 27 37.68 30.42 -1.59
N GLY A 28 37.43 31.67 -1.23
CA GLY A 28 36.97 32.68 -2.18
C GLY A 28 37.93 33.15 -3.26
N ASP A 29 39.20 32.76 -3.16
CA ASP A 29 40.18 33.19 -4.16
C ASP A 29 40.59 32.08 -5.10
N LEU A 30 39.64 31.22 -5.47
CA LEU A 30 39.94 30.10 -6.35
C LEU A 30 40.10 30.52 -7.82
N ASP A 31 41.10 29.92 -8.46
CA ASP A 31 41.28 30.02 -9.90
C ASP A 31 39.97 29.63 -10.56
N PRO A 32 39.50 30.45 -11.51
CA PRO A 32 38.25 30.24 -12.24
C PRO A 32 38.13 28.87 -12.92
N ALA A 33 39.25 28.20 -13.16
CA ALA A 33 39.23 26.90 -13.84
C ALA A 33 39.07 25.78 -12.83
N ALA A 34 39.47 26.06 -11.59
CA ALA A 34 39.26 25.12 -10.50
C ALA A 34 37.78 25.16 -10.11
N VAL A 35 37.23 26.36 -10.00
CA VAL A 35 35.81 26.57 -9.78
C VAL A 35 34.98 25.88 -10.86
N ASN A 36 35.53 25.82 -12.07
CA ASN A 36 34.81 25.22 -13.18
C ASN A 36 34.79 23.70 -13.14
N GLU A 37 35.93 23.11 -12.81
CA GLU A 37 36.02 21.67 -12.71
C GLU A 37 35.17 21.12 -11.56
N ILE A 38 35.07 21.90 -10.48
CA ILE A 38 34.25 21.56 -9.33
C ILE A 38 32.78 21.49 -9.74
N ARG A 39 32.33 22.55 -10.43
CA ARG A 39 30.96 22.59 -10.91
C ARG A 39 30.69 21.42 -11.84
N ALA A 40 31.61 21.18 -12.77
CA ALA A 40 31.41 20.07 -13.70
C ALA A 40 31.15 18.80 -12.89
N ALA A 41 31.95 18.58 -11.85
CA ALA A 41 31.85 17.40 -11.01
C ALA A 41 30.54 17.39 -10.20
N LEU A 42 30.21 18.53 -9.61
CA LEU A 42 28.96 18.69 -8.90
C LEU A 42 27.74 18.35 -9.76
N LEU A 43 27.73 18.77 -11.02
CA LEU A 43 26.60 18.52 -11.89
C LEU A 43 26.58 17.06 -12.33
N ALA A 44 27.76 16.46 -12.45
CA ALA A 44 27.87 15.08 -12.89
C ALA A 44 27.70 14.07 -11.77
N HIS A 45 27.99 14.49 -10.53
CA HIS A 45 27.93 13.57 -9.39
C HIS A 45 26.89 13.90 -8.33
N LYS A 46 26.26 15.06 -8.47
CA LYS A 46 25.09 15.47 -7.68
C LYS A 46 25.42 15.88 -6.24
N VAL A 47 26.41 15.22 -5.64
CA VAL A 47 26.92 15.63 -4.34
C VAL A 47 28.42 15.32 -4.31
N VAL A 48 29.21 16.33 -3.94
CA VAL A 48 30.66 16.18 -3.92
C VAL A 48 31.17 16.51 -2.55
N PHE A 49 32.26 15.86 -2.17
CA PHE A 49 32.77 15.96 -0.82
C PHE A 49 34.21 16.46 -0.76
N PHE A 50 34.49 17.26 0.25
CA PHE A 50 35.84 17.75 0.49
C PHE A 50 36.28 17.44 1.91
N ARG A 51 37.43 16.80 2.03
CA ARG A 51 37.97 16.49 3.33
C ARG A 51 39.04 17.51 3.75
N GLY A 52 39.20 17.69 5.05
CA GLY A 52 40.30 18.45 5.60
C GLY A 52 40.32 19.95 5.32
N GLN A 53 39.18 20.53 5.00
CA GLN A 53 39.11 22.00 4.88
C GLN A 53 38.89 22.62 6.25
N HIS A 54 39.83 22.33 7.16
CA HIS A 54 39.81 22.90 8.50
C HIS A 54 39.97 24.42 8.45
N GLN A 55 40.46 24.93 7.33
CA GLN A 55 40.72 26.37 7.19
C GLN A 55 39.45 27.21 7.04
N LEU A 56 38.40 26.62 6.47
CA LEU A 56 37.14 27.33 6.24
C LEU A 56 36.52 27.87 7.51
N ASP A 57 36.01 29.10 7.41
CA ASP A 57 35.18 29.69 8.45
C ASP A 57 33.91 30.18 7.79
N ASP A 58 32.96 30.68 8.57
CA ASP A 58 31.68 31.13 8.04
C ASP A 58 31.84 32.04 6.81
N ALA A 59 32.69 33.06 6.93
CA ALA A 59 32.86 34.07 5.88
C ALA A 59 33.65 33.56 4.69
N GLU A 60 34.65 32.74 4.96
CA GLU A 60 35.47 32.17 3.90
C GLU A 60 34.63 31.19 3.11
N GLN A 61 33.66 30.58 3.77
CA GLN A 61 32.72 29.65 3.13
C GLN A 61 31.70 30.41 2.29
N LEU A 62 31.14 31.47 2.86
CA LEU A 62 30.24 32.37 2.16
C LEU A 62 30.90 32.95 0.91
N ALA A 63 32.21 33.16 1.01
CA ALA A 63 33.00 33.71 -0.10
C ALA A 63 33.13 32.71 -1.24
N PHE A 64 33.44 31.46 -0.88
CA PHE A 64 33.61 30.40 -1.86
C PHE A 64 32.31 30.00 -2.56
N ALA A 65 31.19 30.10 -1.84
CA ALA A 65 29.89 29.82 -2.44
C ALA A 65 29.53 30.91 -3.43
N GLY A 66 30.04 32.11 -3.19
CA GLY A 66 29.79 33.23 -4.09
C GLY A 66 30.33 32.94 -5.47
N LEU A 67 31.26 32.01 -5.55
CA LEU A 67 31.91 31.65 -6.81
C LEU A 67 31.08 30.69 -7.66
N LEU A 68 30.15 29.98 -7.03
CA LEU A 68 29.37 28.97 -7.74
C LEU A 68 28.00 29.49 -8.16
N GLY A 69 27.48 30.43 -7.40
CA GLY A 69 26.22 31.06 -7.75
C GLY A 69 25.92 32.19 -6.81
N THR A 70 24.65 32.49 -6.67
CA THR A 70 24.23 33.63 -5.87
C THR A 70 23.68 33.20 -4.52
N PRO A 71 24.48 33.38 -3.47
CA PRO A 71 24.00 33.06 -2.11
C PRO A 71 22.69 33.78 -1.86
N ILE A 72 21.90 33.26 -0.94
CA ILE A 72 20.53 33.71 -0.75
C ILE A 72 20.40 34.80 0.31
N ASN A 98 14.64 13.25 10.99
CA ASN A 98 14.38 13.94 9.72
C ASN A 98 13.73 13.01 8.69
N ARG A 99 13.41 13.53 7.51
CA ARG A 99 13.02 12.65 6.39
C ARG A 99 13.29 13.17 4.98
N TRP A 100 13.17 12.27 4.00
CA TRP A 100 13.58 12.55 2.64
C TRP A 100 12.93 13.79 2.04
N HIS A 101 13.75 14.69 1.51
CA HIS A 101 13.22 15.91 0.91
C HIS A 101 14.24 16.60 0.02
N THR A 102 13.71 17.40 -0.92
CA THR A 102 14.47 18.41 -1.63
C THR A 102 14.23 19.70 -0.88
N ASP A 103 15.27 20.52 -0.76
CA ASP A 103 15.17 21.75 0.03
C ASP A 103 14.14 22.80 -0.44
N VAL A 104 13.33 23.26 0.50
CA VAL A 104 12.37 24.36 0.33
C VAL A 104 11.43 24.26 -0.88
N THR A 105 11.08 23.05 -1.31
CA THR A 105 10.28 22.92 -2.52
C THR A 105 8.85 23.47 -2.41
N PHE A 106 8.45 23.89 -1.22
CA PHE A 106 7.15 24.56 -1.09
C PHE A 106 7.15 25.97 -1.69
N ALA A 107 8.33 26.45 -2.10
CA ALA A 107 8.48 27.71 -2.81
C ALA A 107 8.72 27.43 -4.28
N ALA A 108 8.33 28.37 -5.13
CA ALA A 108 8.45 28.14 -6.57
C ALA A 108 9.89 28.13 -7.04
N ASN A 109 10.65 29.14 -6.63
CA ASN A 109 12.07 29.24 -6.99
C ASN A 109 12.95 28.76 -5.83
N TYR A 110 12.97 27.45 -5.62
CA TYR A 110 13.73 26.89 -4.52
C TYR A 110 15.19 26.71 -4.96
N PRO A 111 16.11 26.60 -3.98
CA PRO A 111 17.57 26.60 -4.13
C PRO A 111 18.10 25.67 -5.21
N ALA A 112 19.22 26.03 -5.80
CA ALA A 112 19.85 25.19 -6.81
C ALA A 112 20.86 24.27 -6.17
N ALA A 113 21.54 24.77 -5.14
CA ALA A 113 22.63 24.06 -4.51
C ALA A 113 22.86 24.61 -3.10
N SER A 114 23.59 23.85 -2.28
CA SER A 114 24.00 24.29 -0.95
C SER A 114 25.42 23.83 -0.60
N VAL A 115 26.13 24.68 0.13
CA VAL A 115 27.45 24.34 0.66
C VAL A 115 27.32 24.15 2.16
N LEU A 116 27.64 22.96 2.64
CA LEU A 116 27.49 22.63 4.05
C LEU A 116 28.80 22.20 4.70
N ARG A 117 29.16 22.84 5.80
CA ARG A 117 30.43 22.57 6.48
C ARG A 117 30.19 22.02 7.89
N ALA A 118 30.92 20.97 8.24
CA ALA A 118 30.88 20.46 9.61
C ALA A 118 31.54 21.48 10.53
N VAL A 119 30.95 21.70 11.70
CA VAL A 119 31.60 22.53 12.69
C VAL A 119 31.73 21.82 14.06
N SER A 120 30.64 21.22 14.52
CA SER A 120 30.67 20.46 15.76
C SER A 120 29.95 19.14 15.58
N LEU A 121 30.69 18.04 15.68
CA LEU A 121 30.18 16.71 15.39
C LEU A 121 30.07 15.80 16.64
N PRO A 122 29.03 14.96 16.68
CA PRO A 122 28.80 14.01 17.79
C PRO A 122 29.76 12.83 17.66
N SER A 123 30.10 12.20 18.79
CA SER A 123 31.08 11.12 18.81
C SER A 123 30.63 9.87 18.05
N TYR A 124 29.34 9.76 17.82
CA TYR A 124 28.82 8.70 16.97
C TYR A 124 27.56 9.18 16.32
N GLY A 125 27.14 8.49 15.26
CA GLY A 125 25.95 8.85 14.51
C GLY A 125 26.14 10.10 13.67
N GLY A 126 25.04 10.78 13.37
CA GLY A 126 25.06 12.06 12.67
C GLY A 126 25.50 12.04 11.22
N SER A 127 25.32 10.90 10.56
CA SER A 127 25.67 10.81 9.15
C SER A 127 24.51 11.29 8.27
N THR A 128 24.80 11.58 7.01
CA THR A 128 23.81 12.20 6.15
C THR A 128 23.58 11.44 4.85
N LEU A 129 22.33 11.44 4.38
CA LEU A 129 21.94 10.75 3.14
C LEU A 129 21.61 11.70 1.98
N TRP A 130 21.98 11.29 0.76
CA TRP A 130 21.57 11.97 -0.46
C TRP A 130 21.13 10.92 -1.47
N ALA A 131 20.14 11.28 -2.30
CA ALA A 131 19.69 10.43 -3.41
C ALA A 131 19.66 11.20 -4.75
N ASN A 132 19.93 10.50 -5.85
CA ASN A 132 20.01 11.09 -7.17
C ASN A 132 18.67 11.13 -7.94
N THR A 133 17.96 12.25 -7.89
CA THR A 133 16.63 12.31 -8.49
C THR A 133 16.64 12.29 -10.02
N ALA A 134 17.79 12.60 -10.63
CA ALA A 134 17.98 12.44 -12.07
C ALA A 134 18.04 10.96 -12.46
N ALA A 135 18.92 10.20 -11.81
CA ALA A 135 19.06 8.77 -12.09
C ALA A 135 17.76 8.02 -11.76
N ALA A 136 17.12 8.42 -10.67
CA ALA A 136 15.81 7.84 -10.33
C ALA A 136 14.86 7.93 -11.52
N TYR A 137 14.84 9.10 -12.14
CA TYR A 137 13.97 9.32 -13.29
C TYR A 137 14.39 8.46 -14.50
N ALA A 138 15.65 8.58 -14.90
CA ALA A 138 16.18 7.83 -16.04
C ALA A 138 15.92 6.33 -15.93
N GLU A 139 15.96 5.81 -14.71
CA GLU A 139 15.78 4.37 -14.47
C GLU A 139 14.30 3.93 -14.49
N LEU A 140 13.38 4.88 -14.37
CA LEU A 140 11.95 4.55 -14.47
C LEU A 140 11.64 3.69 -15.69
N PRO A 141 10.67 2.77 -15.54
CA PRO A 141 10.03 2.11 -16.68
C PRO A 141 9.24 3.16 -17.45
N GLU A 142 9.10 3.00 -18.76
CA GLU A 142 8.47 4.04 -19.58
C GLU A 142 7.04 4.42 -19.14
N PRO A 143 6.25 3.43 -18.68
CA PRO A 143 4.94 3.74 -18.11
C PRO A 143 5.03 4.75 -16.98
N LEU A 144 6.04 4.61 -16.12
CA LEU A 144 6.21 5.54 -15.01
C LEU A 144 6.79 6.88 -15.49
N LYS A 145 7.55 6.83 -16.57
CA LYS A 145 7.98 8.06 -17.22
C LYS A 145 6.78 8.86 -17.72
N CYS A 146 5.88 8.19 -18.43
CA CYS A 146 4.71 8.87 -18.96
C CYS A 146 3.88 9.49 -17.84
N LEU A 147 3.63 8.71 -16.81
CA LEU A 147 2.90 9.19 -15.63
C LEU A 147 3.55 10.39 -14.95
N THR A 148 4.83 10.26 -14.60
CA THR A 148 5.52 11.36 -13.94
C THR A 148 5.62 12.62 -14.82
N GLU A 149 5.92 12.45 -16.10
CA GLU A 149 6.02 13.60 -17.01
C GLU A 149 4.76 14.43 -17.06
N ASN A 150 3.64 13.82 -16.68
CA ASN A 150 2.36 14.50 -16.76
C ASN A 150 1.75 14.76 -15.41
N LEU A 151 2.50 14.44 -14.37
CA LEU A 151 2.03 14.57 -13.01
C LEU A 151 2.54 15.86 -12.38
N TRP A 152 1.65 16.57 -11.69
CA TRP A 152 2.07 17.70 -10.88
C TRP A 152 1.73 17.45 -9.43
N ALA A 153 2.55 17.99 -8.53
CA ALA A 153 2.30 17.89 -7.10
C ALA A 153 2.16 19.26 -6.47
N LEU A 154 1.32 19.34 -5.44
CA LEU A 154 1.26 20.51 -4.58
C LEU A 154 2.23 20.35 -3.42
N HIS A 155 3.17 21.28 -3.28
CA HIS A 155 4.12 21.28 -2.16
C HIS A 155 3.73 22.36 -1.16
N THR A 156 3.73 22.01 0.11
CA THR A 156 3.28 22.90 1.15
C THR A 156 4.27 22.86 2.31
N ASN A 157 4.15 23.81 3.24
CA ASN A 157 4.96 23.80 4.45
C ASN A 157 4.13 23.42 5.69
N ARG A 158 3.76 22.13 5.75
CA ARG A 158 2.87 21.59 6.78
C ARG A 158 1.44 22.16 6.66
N PRO A 181 3.64 32.05 8.17
CA PRO A 181 4.17 31.90 6.81
C PRO A 181 3.46 30.75 6.11
N ASP A 182 2.87 30.99 4.92
CA ASP A 182 2.09 29.95 4.27
C ASP A 182 2.34 29.79 2.77
N PHE A 183 3.20 28.85 2.40
CA PHE A 183 3.50 28.59 1.00
C PHE A 183 2.76 27.39 0.43
N ARG A 184 2.20 27.56 -0.76
CA ARG A 184 1.64 26.44 -1.49
C ARG A 184 2.09 26.58 -2.94
N THR A 185 2.66 25.53 -3.50
CA THR A 185 3.17 25.59 -4.88
C THR A 185 2.88 24.31 -5.66
N GLU A 186 2.52 24.47 -6.94
CA GLU A 186 2.33 23.31 -7.78
C GLU A 186 3.51 23.09 -8.70
N HIS A 187 4.28 22.05 -8.42
CA HIS A 187 5.45 21.74 -9.21
C HIS A 187 5.16 20.56 -10.09
N PRO A 188 5.78 20.50 -11.27
CA PRO A 188 5.75 19.26 -12.03
C PRO A 188 6.48 18.18 -11.24
N VAL A 189 6.20 16.91 -11.53
CA VAL A 189 6.90 15.83 -10.85
C VAL A 189 8.19 15.54 -11.59
N VAL A 190 8.25 15.93 -12.87
CA VAL A 190 9.52 15.92 -13.57
C VAL A 190 9.92 17.35 -13.96
N ARG A 191 11.11 17.76 -13.58
CA ARG A 191 11.64 19.03 -14.08
C ARG A 191 12.81 18.78 -15.00
N VAL A 192 12.99 19.68 -15.95
CA VAL A 192 14.17 19.66 -16.80
C VAL A 192 15.24 20.52 -16.14
N HIS A 193 16.36 19.89 -15.81
CA HIS A 193 17.48 20.57 -15.17
C HIS A 193 18.01 21.69 -16.09
N PRO A 194 18.07 22.92 -15.56
CA PRO A 194 18.44 24.11 -16.33
C PRO A 194 19.84 24.06 -16.94
N GLU A 195 20.78 23.30 -16.37
CA GLU A 195 22.15 23.30 -16.89
C GLU A 195 22.54 22.01 -17.59
N THR A 196 21.89 20.91 -17.23
CA THR A 196 22.28 19.60 -17.77
C THR A 196 21.29 19.16 -18.81
N GLY A 197 20.09 19.73 -18.75
CA GLY A 197 19.01 19.24 -19.59
C GLY A 197 18.46 17.90 -19.13
N GLU A 198 19.06 17.35 -18.08
CA GLU A 198 18.60 16.09 -17.52
C GLU A 198 17.25 16.28 -16.84
N ARG A 199 16.35 15.33 -17.06
CA ARG A 199 15.09 15.36 -16.32
C ARG A 199 15.27 14.69 -14.95
N THR A 200 14.68 15.31 -13.93
CA THR A 200 14.81 14.85 -12.57
C THR A 200 13.43 14.79 -11.88
N LEU A 201 13.27 13.84 -10.95
CA LEU A 201 12.04 13.73 -10.20
C LEU A 201 11.99 14.76 -9.08
N LEU A 202 10.89 15.50 -9.03
CA LEU A 202 10.65 16.48 -7.99
C LEU A 202 9.52 16.01 -7.07
N ALA A 203 9.88 15.59 -5.87
CA ALA A 203 8.89 15.19 -4.89
C ALA A 203 9.38 15.47 -3.48
N GLY A 204 9.45 14.43 -2.64
CA GLY A 204 9.97 14.57 -1.29
C GLY A 204 8.94 15.02 -0.27
N ASP A 205 9.39 15.24 0.95
CA ASP A 205 8.50 15.40 2.09
C ASP A 205 7.52 16.57 2.05
N PHE A 206 7.79 17.58 1.23
CA PHE A 206 6.94 18.75 1.21
C PHE A 206 5.67 18.52 0.37
N VAL A 207 5.71 17.47 -0.46
CA VAL A 207 4.53 17.10 -1.21
C VAL A 207 3.35 16.81 -0.27
N ARG A 208 2.21 17.39 -0.59
CA ARG A 208 1.00 17.18 0.17
C ARG A 208 0.03 16.34 -0.65
N SER A 209 0.02 16.56 -1.97
CA SER A 209 -0.90 15.85 -2.85
C SER A 209 -0.53 15.93 -4.32
N PHE A 210 -0.91 14.91 -5.08
CA PHE A 210 -0.86 15.04 -6.54
C PHE A 210 -2.14 15.67 -7.08
N VAL A 211 -1.97 16.57 -8.05
CA VAL A 211 -3.08 17.30 -8.63
C VAL A 211 -3.99 16.39 -9.45
N GLY A 212 -5.29 16.46 -9.19
CA GLY A 212 -6.27 15.65 -9.91
C GLY A 212 -6.49 14.25 -9.34
N LEU A 213 -5.69 13.88 -8.34
CA LEU A 213 -5.78 12.56 -7.74
C LEU A 213 -6.40 12.62 -6.35
N ASP A 214 -7.00 11.53 -5.90
CA ASP A 214 -7.54 11.54 -4.54
C ASP A 214 -6.44 11.33 -3.50
N SER A 215 -6.81 11.42 -2.23
CA SER A 215 -5.85 11.29 -1.15
C SER A 215 -5.14 9.95 -1.18
N HIS A 216 -5.92 8.88 -1.34
CA HIS A 216 -5.37 7.53 -1.31
C HIS A 216 -4.35 7.27 -2.42
N GLU A 217 -4.74 7.56 -3.66
CA GLU A 217 -3.87 7.37 -4.82
C GLU A 217 -2.65 8.27 -4.74
N SER A 218 -2.81 9.47 -4.21
CA SER A 218 -1.67 10.34 -4.04
C SER A 218 -0.63 9.68 -3.12
N ARG A 219 -1.07 9.28 -1.93
CA ARG A 219 -0.14 8.67 -0.98
C ARG A 219 0.59 7.50 -1.62
N VAL A 220 -0.19 6.59 -2.20
CA VAL A 220 0.36 5.37 -2.77
C VAL A 220 1.40 5.60 -3.88
N LEU A 221 1.12 6.54 -4.78
CA LEU A 221 2.04 6.83 -5.87
C LEU A 221 3.30 7.52 -5.36
N PHE A 222 3.11 8.40 -4.38
CA PHE A 222 4.21 9.07 -3.71
C PHE A 222 5.20 8.04 -3.17
N GLU A 223 4.66 7.05 -2.48
CA GLU A 223 5.50 6.03 -1.89
C GLU A 223 6.18 5.22 -2.99
N VAL A 224 5.48 4.99 -4.09
CA VAL A 224 6.09 4.22 -5.16
C VAL A 224 7.36 4.93 -5.67
N LEU A 225 7.28 6.25 -5.82
CA LEU A 225 8.37 7.02 -6.40
C LEU A 225 9.48 7.24 -5.40
N GLN A 226 9.10 7.48 -4.15
CA GLN A 226 10.06 7.62 -3.08
C GLN A 226 10.84 6.32 -2.87
N ARG A 227 10.16 5.20 -3.03
CA ARG A 227 10.85 3.91 -2.96
C ARG A 227 11.98 3.79 -3.99
N ARG A 228 11.74 4.31 -5.20
CA ARG A 228 12.72 4.23 -6.27
C ARG A 228 13.84 5.25 -6.08
N ILE A 229 13.49 6.43 -5.60
CA ILE A 229 14.50 7.49 -5.36
C ILE A 229 15.49 7.10 -4.25
N THR A 230 14.99 6.45 -3.21
CA THR A 230 15.76 6.24 -1.99
C THR A 230 16.35 4.86 -1.91
N MET A 231 16.25 4.09 -2.98
CA MET A 231 16.90 2.78 -3.10
C MET A 231 18.39 2.94 -2.80
N PRO A 232 18.97 2.06 -1.97
CA PRO A 232 20.36 2.22 -1.53
C PRO A 232 21.36 2.38 -2.69
N GLU A 233 21.20 1.60 -3.75
CA GLU A 233 22.02 1.74 -4.97
C GLU A 233 22.03 3.17 -5.51
N ASN A 234 20.96 3.90 -5.25
CA ASN A 234 20.81 5.25 -5.77
C ASN A 234 21.13 6.34 -4.76
N THR A 235 21.85 6.00 -3.71
CA THR A 235 22.03 6.96 -2.62
C THR A 235 23.41 6.85 -2.02
N ILE A 236 23.76 7.87 -1.24
CA ILE A 236 25.02 7.86 -0.50
C ILE A 236 24.84 8.36 0.94
N ARG A 237 25.52 7.67 1.84
CA ARG A 237 25.49 7.97 3.25
C ARG A 237 26.86 8.46 3.65
N TRP A 238 26.93 9.69 4.17
CA TRP A 238 28.22 10.28 4.48
C TRP A 238 28.51 10.31 5.97
N ASN A 239 29.67 9.79 6.35
CA ASN A 239 30.17 9.98 7.70
C ASN A 239 31.02 11.24 7.81
N TRP A 240 30.48 12.21 8.54
CA TRP A 240 31.11 13.48 8.77
C TRP A 240 32.34 13.39 9.69
N ALA A 241 33.43 14.01 9.25
CA ALA A 241 34.60 14.23 10.09
C ALA A 241 34.89 15.72 10.10
N PRO A 242 35.59 16.22 11.13
CA PRO A 242 35.89 17.64 11.21
C PRO A 242 36.69 18.05 9.98
N GLY A 243 36.39 19.22 9.42
CA GLY A 243 37.01 19.65 8.18
C GLY A 243 36.31 19.13 6.93
N ASP A 244 35.20 18.41 7.11
CA ASP A 244 34.42 17.91 5.98
C ASP A 244 33.53 19.00 5.37
N VAL A 245 33.41 18.98 4.05
CA VAL A 245 32.53 19.91 3.35
C VAL A 245 31.73 19.21 2.24
N ALA A 246 30.44 19.53 2.17
CA ALA A 246 29.57 18.90 1.18
C ALA A 246 28.87 19.96 0.35
N ILE A 247 28.85 19.72 -0.96
CA ILE A 247 28.06 20.53 -1.88
C ILE A 247 27.15 19.58 -2.65
N TRP A 248 25.89 19.95 -2.81
CA TRP A 248 24.95 19.13 -3.59
C TRP A 248 24.02 19.94 -4.48
N ASP A 249 23.69 19.37 -5.63
CA ASP A 249 22.79 19.97 -6.59
C ASP A 249 21.35 19.69 -6.12
N ASN A 250 20.74 20.69 -5.49
CA ASN A 250 19.38 20.58 -4.98
C ASN A 250 18.35 20.37 -6.06
N ARG A 251 18.75 20.50 -7.33
CA ARG A 251 17.85 20.36 -8.46
C ARG A 251 17.80 18.94 -8.98
N ALA A 252 18.69 18.09 -8.49
CA ALA A 252 18.75 16.72 -8.94
C ALA A 252 18.97 15.78 -7.75
N THR A 253 18.58 16.21 -6.57
CA THR A 253 18.74 15.38 -5.37
C THR A 253 17.61 15.53 -4.36
N GLN A 254 17.59 14.58 -3.42
CA GLN A 254 16.93 14.76 -2.13
C GLN A 254 17.98 14.42 -1.08
N HIS A 255 17.82 14.98 0.11
CA HIS A 255 18.71 14.60 1.20
C HIS A 255 17.93 14.32 2.47
N ARG A 256 18.61 13.72 3.44
CA ARG A 256 17.95 13.30 4.67
C ARG A 256 18.96 13.24 5.81
N ALA A 257 18.69 14.01 6.87
CA ALA A 257 19.49 13.93 8.06
C ALA A 257 19.08 12.66 8.81
N ILE A 258 20.07 12.02 9.45
CA ILE A 258 19.82 10.84 10.26
C ILE A 258 19.98 11.18 11.73
N ASP A 259 18.91 10.99 12.50
CA ASP A 259 18.92 11.29 13.93
C ASP A 259 19.35 10.08 14.78
N ASP A 260 20.66 9.84 14.86
CA ASP A 260 21.22 8.67 15.53
C ASP A 260 22.47 9.01 16.32
N TYR A 261 22.50 10.22 16.86
CA TYR A 261 23.55 10.64 17.76
C TYR A 261 22.86 10.87 19.10
N ASP A 262 21.85 10.04 19.33
CA ASP A 262 20.89 10.30 20.39
C ASP A 262 20.61 11.79 20.29
N ASP A 263 20.86 12.55 21.35
CA ASP A 263 20.72 13.99 21.20
C ASP A 263 21.92 14.81 21.67
N GLN A 264 23.11 14.35 21.26
CA GLN A 264 24.32 15.12 21.54
C GLN A 264 24.28 16.46 20.83
N HIS A 265 25.41 17.14 20.83
CA HIS A 265 25.55 18.44 20.21
C HIS A 265 26.05 18.30 18.77
N ARG A 266 25.31 18.87 17.83
CA ARG A 266 25.69 18.82 16.42
C ARG A 266 25.48 20.17 15.75
N LEU A 267 26.53 20.66 15.09
CA LEU A 267 26.45 21.94 14.42
C LEU A 267 27.18 21.92 13.07
N MET A 268 26.44 22.24 12.03
CA MET A 268 26.97 22.35 10.68
C MET A 268 26.61 23.74 10.22
N HIS A 269 27.44 24.33 9.38
CA HIS A 269 27.14 25.64 8.82
C HIS A 269 26.68 25.46 7.36
N ARG A 270 25.64 26.18 6.96
CA ARG A 270 25.15 26.07 5.57
C ARG A 270 25.06 27.37 4.76
N VAL A 271 25.49 27.29 3.50
CA VAL A 271 25.30 28.37 2.54
C VAL A 271 24.41 27.86 1.41
N THR A 272 23.36 28.60 1.09
CA THR A 272 22.43 28.18 0.05
C THR A 272 22.45 29.10 -1.17
N LEU A 273 22.53 28.51 -2.37
CA LEU A 273 22.51 29.27 -3.62
C LEU A 273 21.13 29.36 -4.26
N MET A 274 20.91 30.44 -4.98
CA MET A 274 19.64 30.71 -5.63
C MET A 274 19.38 29.77 -6.81
N GLY A 275 18.18 29.21 -6.89
CA GLY A 275 17.81 28.42 -8.03
C GLY A 275 16.64 29.10 -8.71
N ASP A 276 16.20 28.56 -9.85
CA ASP A 276 15.03 29.13 -10.49
C ASP A 276 13.85 28.17 -10.50
N VAL A 277 12.73 28.66 -11.04
CA VAL A 277 11.49 27.91 -11.13
C VAL A 277 11.60 26.73 -12.09
N PRO A 278 11.17 25.55 -11.65
CA PRO A 278 11.12 24.34 -12.47
C PRO A 278 10.26 24.48 -13.71
N VAL A 279 10.74 23.89 -14.80
CA VAL A 279 9.89 23.74 -15.98
C VAL A 279 9.67 22.26 -16.23
N ASP A 280 8.46 21.89 -16.60
CA ASP A 280 8.16 20.50 -16.91
C ASP A 280 8.69 20.22 -18.32
N VAL A 281 8.50 19.01 -18.82
CA VAL A 281 9.09 18.65 -20.10
C VAL A 281 8.46 19.42 -21.28
N TYR A 282 7.32 20.07 -21.04
CA TYR A 282 6.67 20.87 -22.09
C TYR A 282 6.96 22.37 -21.97
N GLY A 283 7.81 22.74 -21.02
CA GLY A 283 8.16 24.13 -20.82
C GLY A 283 7.23 24.93 -19.91
N GLN A 284 6.28 24.28 -19.27
CA GLN A 284 5.41 24.99 -18.33
C GLN A 284 6.08 25.13 -16.96
N ALA A 285 5.97 26.31 -16.37
CA ALA A 285 6.59 26.62 -15.09
C ALA A 285 5.72 26.21 -13.90
N SER A 286 6.34 25.99 -12.74
CA SER A 286 5.61 25.78 -11.50
C SER A 286 4.58 26.90 -11.32
N ARG A 287 3.44 26.59 -10.71
CA ARG A 287 2.43 27.59 -10.43
C ARG A 287 2.44 27.91 -8.95
N VAL A 288 2.66 29.17 -8.60
CA VAL A 288 2.51 29.59 -7.22
C VAL A 288 1.04 29.67 -6.83
N ILE A 289 0.69 29.08 -5.69
CA ILE A 289 -0.67 29.15 -5.15
C ILE A 289 -0.71 30.06 -3.92
N SER A 290 0.36 30.01 -3.11
CA SER A 290 0.54 30.97 -2.01
C SER A 290 1.96 31.46 -1.98
N GLY A 291 2.23 32.50 -2.77
CA GLY A 291 3.55 33.12 -2.86
C GLY A 291 4.03 33.52 -1.49
N ALA A 292 5.20 34.16 -1.43
CA ALA A 292 5.90 34.64 -2.61
C ALA A 292 7.22 33.91 -2.87
N PRO A 293 7.88 34.24 -4.01
CA PRO A 293 9.20 33.66 -4.35
C PRO A 293 10.25 33.95 -3.29
N MET A 294 11.41 33.35 -3.47
CA MET A 294 12.57 33.65 -2.65
C MET A 294 13.29 34.85 -3.24
N GLU A 295 13.94 35.61 -2.37
CA GLU A 295 14.53 36.90 -2.73
C GLU A 295 16.06 36.92 -2.66
N ILE A 296 16.63 38.10 -2.89
CA ILE A 296 18.07 38.33 -2.89
C ILE A 296 18.81 37.31 -3.76
N ILE B 8 40.25 -5.13 25.07
CA ILE B 8 39.61 -4.61 23.85
C ILE B 8 38.94 -3.26 24.10
N THR B 9 38.95 -2.41 23.08
CA THR B 9 38.24 -1.13 23.13
C THR B 9 37.15 -1.10 22.07
N VAL B 10 35.95 -0.75 22.50
CA VAL B 10 34.76 -0.81 21.65
C VAL B 10 34.18 0.59 21.47
N LYS B 11 34.03 1.01 20.23
CA LYS B 11 33.51 2.33 19.93
C LYS B 11 32.15 2.23 19.25
N LYS B 12 31.19 2.99 19.78
CA LYS B 12 29.83 3.01 19.21
C LYS B 12 29.78 3.77 17.89
N LEU B 13 29.19 3.17 16.87
CA LEU B 13 29.10 3.79 15.55
C LEU B 13 27.79 4.54 15.35
N GLY B 14 26.76 4.11 16.08
CA GLY B 14 25.45 4.72 16.05
C GLY B 14 24.67 4.45 17.32
N SER B 15 23.67 5.28 17.59
CA SER B 15 22.91 5.17 18.82
C SER B 15 22.06 3.89 18.93
N ARG B 16 21.78 3.23 17.82
CA ARG B 16 20.89 2.05 17.84
C ARG B 16 21.53 0.77 17.30
N ILE B 17 22.54 0.91 16.47
CA ILE B 17 23.24 -0.26 15.94
C ILE B 17 24.69 0.09 15.62
N GLY B 18 25.58 -0.90 15.80
CA GLY B 18 26.94 -0.80 15.30
C GLY B 18 28.02 -0.38 16.28
N ALA B 19 29.16 -1.06 16.22
CA ALA B 19 30.34 -0.67 16.97
C ALA B 19 31.63 -1.12 16.30
N GLN B 20 32.68 -0.35 16.51
CA GLN B 20 34.01 -0.73 16.04
C GLN B 20 34.85 -1.13 17.24
N ILE B 21 35.60 -2.20 17.08
CA ILE B 21 36.42 -2.72 18.16
C ILE B 21 37.91 -2.68 17.81
N ASP B 22 38.69 -2.01 18.64
CA ASP B 22 40.14 -1.96 18.47
C ASP B 22 40.85 -2.65 19.64
N GLY B 23 42.17 -2.83 19.53
CA GLY B 23 42.95 -3.43 20.59
C GLY B 23 42.98 -4.95 20.55
N VAL B 24 42.62 -5.54 19.42
CA VAL B 24 42.54 -6.98 19.34
C VAL B 24 42.92 -7.58 18.00
N ARG B 25 43.82 -8.54 18.03
CA ARG B 25 44.20 -9.25 16.82
C ARG B 25 43.40 -10.53 16.72
N LEU B 26 42.78 -10.76 15.56
CA LEU B 26 41.87 -11.87 15.41
C LEU B 26 42.54 -13.18 15.07
N GLY B 27 42.31 -14.17 15.92
CA GLY B 27 42.76 -15.53 15.70
C GLY B 27 42.08 -16.54 16.62
N GLY B 28 42.21 -17.82 16.29
CA GLY B 28 41.66 -18.89 17.08
C GLY B 28 42.47 -19.23 18.33
N ASP B 29 43.16 -18.25 18.89
CA ASP B 29 44.00 -18.40 20.07
C ASP B 29 43.79 -17.23 21.03
N LEU B 30 42.71 -16.50 20.86
CA LEU B 30 42.42 -15.36 21.71
C LEU B 30 42.09 -15.78 23.15
N ASP B 31 42.37 -14.88 24.08
CA ASP B 31 41.99 -15.05 25.48
C ASP B 31 40.46 -15.19 25.65
N PRO B 32 40.01 -16.14 26.48
CA PRO B 32 38.57 -16.18 26.78
C PRO B 32 38.05 -14.84 27.31
N ALA B 33 38.86 -14.09 28.06
CA ALA B 33 38.35 -12.84 28.61
C ALA B 33 38.13 -11.84 27.48
N ALA B 34 38.87 -12.00 26.39
CA ALA B 34 38.73 -11.16 25.19
C ALA B 34 37.59 -11.63 24.28
N VAL B 35 37.44 -12.94 24.13
CA VAL B 35 36.33 -13.53 23.38
C VAL B 35 34.98 -13.18 24.00
N ASN B 36 34.94 -13.09 25.32
CA ASN B 36 33.73 -12.73 26.03
C ASN B 36 33.39 -11.24 25.95
N GLU B 37 34.41 -10.40 25.78
CA GLU B 37 34.15 -8.97 25.65
C GLU B 37 33.58 -8.69 24.29
N ILE B 38 33.95 -9.56 23.35
CA ILE B 38 33.55 -9.39 21.95
C ILE B 38 32.14 -9.92 21.73
N ARG B 39 31.82 -11.04 22.37
CA ARG B 39 30.47 -11.59 22.35
C ARG B 39 29.54 -10.62 23.08
N ALA B 40 29.96 -10.11 24.22
CA ALA B 40 29.21 -9.04 24.87
C ALA B 40 28.95 -7.92 23.87
N ALA B 41 30.01 -7.47 23.22
CA ALA B 41 29.95 -6.35 22.28
C ALA B 41 29.02 -6.64 21.10
N LEU B 42 29.15 -7.82 20.53
CA LEU B 42 28.30 -8.28 19.44
C LEU B 42 26.82 -8.35 19.84
N LEU B 43 26.56 -8.89 21.03
CA LEU B 43 25.19 -9.02 21.48
C LEU B 43 24.56 -7.66 21.76
N ALA B 44 25.33 -6.72 22.30
CA ALA B 44 24.77 -5.42 22.58
C ALA B 44 24.62 -4.53 21.33
N HIS B 45 25.55 -4.68 20.38
CA HIS B 45 25.64 -3.79 19.23
C HIS B 45 25.18 -4.41 17.90
N LYS B 46 24.94 -5.71 17.93
CA LYS B 46 24.31 -6.45 16.82
C LYS B 46 25.19 -6.67 15.60
N VAL B 47 26.06 -5.70 15.31
CA VAL B 47 27.07 -5.88 14.29
C VAL B 47 28.35 -5.22 14.76
N VAL B 48 29.45 -5.96 14.74
CA VAL B 48 30.72 -5.39 15.11
C VAL B 48 31.73 -5.42 13.96
N PHE B 49 32.53 -4.38 13.91
CA PHE B 49 33.52 -4.23 12.84
C PHE B 49 34.93 -4.18 13.43
N PHE B 50 35.82 -4.99 12.87
CA PHE B 50 37.26 -4.92 13.19
C PHE B 50 38.03 -4.51 11.94
N ARG B 51 38.90 -3.53 12.10
CA ARG B 51 39.78 -3.09 11.03
C ARG B 51 41.21 -3.64 11.21
N GLY B 52 42.05 -3.41 10.20
CA GLY B 52 43.45 -3.79 10.25
C GLY B 52 43.72 -5.24 10.57
N GLN B 53 42.78 -6.12 10.25
CA GLN B 53 42.98 -7.54 10.49
C GLN B 53 43.45 -8.21 9.21
N HIS B 54 44.66 -7.85 8.81
CA HIS B 54 45.25 -8.27 7.54
C HIS B 54 45.74 -9.71 7.58
N GLN B 55 46.18 -10.14 8.76
CA GLN B 55 46.71 -11.48 8.95
C GLN B 55 45.67 -12.56 8.69
N LEU B 56 44.39 -12.22 8.84
CA LEU B 56 43.34 -13.20 8.67
C LEU B 56 43.47 -13.92 7.33
N ASP B 57 42.84 -15.09 7.24
CA ASP B 57 43.06 -16.00 6.13
C ASP B 57 42.06 -17.13 6.31
N ASP B 58 41.54 -17.66 5.21
CA ASP B 58 40.52 -18.70 5.28
C ASP B 58 40.53 -19.49 6.60
N ALA B 59 41.55 -20.32 6.82
CA ALA B 59 41.57 -21.22 7.97
C ALA B 59 41.78 -20.48 9.29
N GLU B 60 42.56 -19.41 9.25
CA GLU B 60 42.68 -18.51 10.40
C GLU B 60 41.29 -17.98 10.80
N GLN B 61 40.59 -17.38 9.84
CA GLN B 61 39.26 -16.86 10.05
C GLN B 61 38.30 -17.93 10.57
N LEU B 62 38.34 -19.10 9.94
CA LEU B 62 37.50 -20.23 10.31
C LEU B 62 37.79 -20.66 11.75
N ALA B 63 39.05 -20.54 12.16
CA ALA B 63 39.43 -20.95 13.50
C ALA B 63 38.97 -19.91 14.50
N PHE B 64 38.85 -18.65 14.08
CA PHE B 64 38.39 -17.64 15.01
C PHE B 64 36.87 -17.61 15.15
N ALA B 65 36.18 -18.13 14.14
CA ALA B 65 34.73 -18.19 14.22
C ALA B 65 34.38 -19.35 15.14
N GLY B 66 35.34 -20.25 15.33
CA GLY B 66 35.13 -21.43 16.13
C GLY B 66 35.00 -21.11 17.60
N LEU B 67 35.58 -20.00 18.02
CA LEU B 67 35.54 -19.56 19.41
C LEU B 67 34.23 -18.89 19.74
N LEU B 68 33.30 -18.93 18.80
CA LEU B 68 32.06 -18.19 18.93
C LEU B 68 30.86 -19.07 18.73
N GLY B 69 31.09 -20.23 18.14
CA GLY B 69 30.02 -21.17 17.88
C GLY B 69 30.48 -22.25 16.95
N THR B 70 29.54 -23.02 16.45
CA THR B 70 29.85 -24.18 15.62
C THR B 70 29.61 -23.83 14.18
N PRO B 71 30.69 -23.76 13.38
CA PRO B 71 30.60 -23.48 11.95
C PRO B 71 29.67 -24.44 11.22
N ILE B 72 28.98 -23.92 10.20
CA ILE B 72 27.95 -24.68 9.53
C ILE B 72 28.53 -25.64 8.49
N ALA B 97 20.84 -10.96 -1.48
CA ALA B 97 21.76 -10.06 -0.77
C ALA B 97 21.33 -8.61 -1.00
N ASN B 98 20.72 -8.37 -2.17
CA ASN B 98 20.25 -7.05 -2.61
C ASN B 98 18.84 -6.75 -2.10
N ARG B 99 18.28 -7.71 -1.37
CA ARG B 99 17.02 -7.52 -0.67
C ARG B 99 17.31 -7.64 0.81
N TRP B 100 16.82 -6.69 1.60
CA TRP B 100 16.87 -6.79 3.05
C TRP B 100 16.42 -8.17 3.47
N HIS B 101 17.21 -8.82 4.31
CA HIS B 101 16.89 -10.17 4.74
C HIS B 101 17.72 -10.59 5.95
N THR B 102 17.19 -11.57 6.67
CA THR B 102 17.91 -12.29 7.70
C THR B 102 18.37 -13.58 7.04
N ASP B 103 19.56 -14.05 7.40
CA ASP B 103 20.20 -15.17 6.71
C ASP B 103 19.46 -16.49 6.84
N VAL B 104 19.06 -17.03 5.69
CA VAL B 104 18.49 -18.37 5.57
C VAL B 104 17.35 -18.70 6.56
N THR B 105 16.37 -17.80 6.67
CA THR B 105 15.28 -18.00 7.61
C THR B 105 14.23 -18.99 7.12
N PHE B 106 14.35 -19.44 5.87
CA PHE B 106 13.52 -20.53 5.38
C PHE B 106 13.91 -21.86 6.05
N ALA B 107 15.00 -21.85 6.81
CA ALA B 107 15.33 -22.97 7.68
C ALA B 107 14.89 -22.69 9.12
N ALA B 108 14.46 -23.74 9.83
CA ALA B 108 13.95 -23.59 11.19
C ALA B 108 15.02 -23.15 12.16
N ASN B 109 16.14 -23.86 12.17
CA ASN B 109 17.28 -23.45 12.98
C ASN B 109 18.30 -22.75 12.09
N TYR B 110 18.02 -21.47 11.79
CA TYR B 110 18.90 -20.71 10.92
C TYR B 110 20.05 -20.15 11.76
N PRO B 111 21.13 -19.72 11.08
CA PRO B 111 22.40 -19.26 11.70
C PRO B 111 22.22 -18.18 12.74
N ALA B 112 23.05 -18.24 13.78
CA ALA B 112 22.99 -17.26 14.86
C ALA B 112 23.86 -16.05 14.53
N ALA B 113 24.89 -16.27 13.74
CA ALA B 113 25.90 -15.23 13.52
C ALA B 113 26.77 -15.51 12.30
N SER B 114 27.40 -14.45 11.77
CA SER B 114 28.37 -14.61 10.70
C SER B 114 29.60 -13.73 10.89
N VAL B 115 30.76 -14.29 10.53
CA VAL B 115 31.98 -13.51 10.46
C VAL B 115 32.34 -13.34 8.99
N LEU B 116 32.50 -12.10 8.55
CA LEU B 116 32.72 -11.81 7.14
C LEU B 116 33.99 -10.97 6.93
N ARG B 117 34.81 -11.40 5.98
CA ARG B 117 36.04 -10.68 5.67
C ARG B 117 36.02 -10.23 4.23
N ALA B 118 36.44 -9.01 4.00
CA ALA B 118 36.74 -8.55 2.64
C ALA B 118 38.03 -9.24 2.20
N VAL B 119 38.04 -9.74 0.97
CA VAL B 119 39.28 -10.21 0.36
C VAL B 119 39.77 -9.19 -0.67
N SER B 120 39.03 -9.00 -1.77
CA SER B 120 39.33 -7.92 -2.72
C SER B 120 38.10 -7.05 -3.05
N LEU B 121 38.28 -5.75 -2.83
CA LEU B 121 37.18 -4.80 -2.93
C LEU B 121 37.18 -4.02 -4.25
N PRO B 122 35.99 -3.59 -4.70
CA PRO B 122 35.85 -2.69 -5.86
C PRO B 122 36.48 -1.34 -5.54
N SER B 123 36.72 -0.52 -6.56
CA SER B 123 37.41 0.75 -6.39
C SER B 123 36.49 1.83 -5.80
N TYR B 124 35.18 1.61 -5.95
CA TYR B 124 34.17 2.50 -5.38
C TYR B 124 32.89 1.70 -5.22
N GLY B 125 32.02 2.16 -4.34
CA GLY B 125 30.80 1.43 -4.01
C GLY B 125 31.04 0.14 -3.21
N GLY B 126 30.02 -0.69 -3.11
CA GLY B 126 30.15 -1.98 -2.48
C GLY B 126 30.07 -1.94 -0.97
N SER B 127 29.26 -1.03 -0.45
CA SER B 127 29.03 -1.00 1.00
C SER B 127 27.94 -1.99 1.42
N THR B 128 27.71 -2.09 2.72
CA THR B 128 26.77 -3.07 3.21
C THR B 128 25.90 -2.48 4.32
N LEU B 129 24.62 -2.82 4.30
CA LEU B 129 23.69 -2.36 5.33
C LEU B 129 23.31 -3.42 6.35
N TRP B 130 23.27 -3.02 7.62
CA TRP B 130 22.65 -3.82 8.67
C TRP B 130 21.58 -3.01 9.39
N ALA B 131 20.54 -3.70 9.86
CA ALA B 131 19.52 -3.08 10.70
C ALA B 131 19.26 -3.87 12.01
N ASN B 132 18.92 -3.13 13.05
CA ASN B 132 18.61 -3.70 14.34
C ASN B 132 17.13 -4.17 14.52
N THR B 133 16.89 -5.45 14.36
CA THR B 133 15.56 -5.98 14.53
C THR B 133 15.15 -6.05 16.01
N ALA B 134 16.11 -5.94 16.92
CA ALA B 134 15.81 -5.84 18.35
C ALA B 134 15.29 -4.45 18.71
N ALA B 135 15.96 -3.41 18.21
CA ALA B 135 15.54 -2.04 18.47
C ALA B 135 14.23 -1.73 17.76
N ALA B 136 14.03 -2.36 16.61
CA ALA B 136 12.80 -2.18 15.86
C ALA B 136 11.60 -2.66 16.66
N TYR B 137 11.73 -3.80 17.32
CA TYR B 137 10.64 -4.32 18.14
C TYR B 137 10.35 -3.37 19.32
N ALA B 138 11.40 -2.93 19.99
CA ALA B 138 11.23 -2.09 21.17
C ALA B 138 10.54 -0.74 20.87
N GLU B 139 10.61 -0.28 19.62
CA GLU B 139 10.09 1.04 19.29
C GLU B 139 8.66 0.98 18.78
N LEU B 140 8.23 -0.23 18.41
CA LEU B 140 6.87 -0.43 17.96
C LEU B 140 5.88 0.25 18.89
N PRO B 141 4.85 0.88 18.30
CA PRO B 141 3.63 1.29 19.01
C PRO B 141 2.91 0.09 19.62
N GLU B 142 2.35 0.28 20.80
CA GLU B 142 1.71 -0.81 21.54
C GLU B 142 0.84 -1.75 20.70
N PRO B 143 0.01 -1.19 19.80
CA PRO B 143 -0.86 -2.06 18.99
C PRO B 143 -0.07 -2.94 18.03
N LEU B 144 1.01 -2.41 17.47
CA LEU B 144 1.88 -3.21 16.61
C LEU B 144 2.66 -4.27 17.41
N LYS B 145 3.08 -3.95 18.64
CA LYS B 145 3.63 -4.99 19.52
C LYS B 145 2.65 -6.18 19.62
N CYS B 146 1.37 -5.89 19.84
CA CYS B 146 0.37 -6.95 19.90
C CYS B 146 0.31 -7.78 18.63
N LEU B 147 0.10 -7.10 17.52
CA LEU B 147 0.05 -7.76 16.22
C LEU B 147 1.25 -8.66 15.99
N THR B 148 2.45 -8.09 16.10
CA THR B 148 3.69 -8.84 15.87
C THR B 148 3.91 -9.98 16.85
N GLU B 149 3.62 -9.74 18.12
CA GLU B 149 3.74 -10.79 19.13
C GLU B 149 2.87 -12.00 18.82
N ASN B 150 1.84 -11.83 18.00
CA ASN B 150 0.93 -12.93 17.70
C ASN B 150 0.94 -13.38 16.26
N LEU B 151 1.85 -12.83 15.47
CA LEU B 151 1.91 -13.09 14.05
C LEU B 151 2.94 -14.14 13.70
N TRP B 152 2.69 -14.88 12.64
CA TRP B 152 3.62 -15.89 12.15
C TRP B 152 3.81 -15.74 10.66
N ALA B 153 5.04 -15.90 10.17
CA ALA B 153 5.26 -15.85 8.73
C ALA B 153 5.74 -17.19 8.19
N LEU B 154 5.51 -17.41 6.90
CA LEU B 154 6.05 -18.58 6.23
C LEU B 154 7.27 -18.17 5.40
N HIS B 155 8.46 -18.55 5.85
CA HIS B 155 9.68 -18.31 5.10
C HIS B 155 9.97 -19.47 4.18
N THR B 156 10.29 -19.18 2.92
CA THR B 156 10.61 -20.22 1.95
C THR B 156 11.88 -19.88 1.20
N ASN B 157 12.45 -20.88 0.54
CA ASN B 157 13.58 -20.65 -0.35
C ASN B 157 13.10 -20.52 -1.80
N ARG B 158 11.86 -20.08 -1.94
CA ARG B 158 11.23 -19.88 -3.25
C ARG B 158 11.40 -21.08 -4.18
N PRO B 181 16.05 -28.51 -3.80
CA PRO B 181 15.62 -28.40 -2.40
C PRO B 181 14.45 -27.42 -2.25
N ASP B 182 13.56 -27.68 -1.30
CA ASP B 182 12.41 -26.80 -1.06
C ASP B 182 12.09 -26.64 0.43
N PHE B 183 12.51 -25.52 1.00
CA PHE B 183 12.34 -25.23 2.42
C PHE B 183 11.08 -24.44 2.70
N ARG B 184 10.38 -24.79 3.78
CA ARG B 184 9.24 -24.02 4.25
C ARG B 184 9.20 -24.08 5.76
N THR B 185 9.03 -22.93 6.39
CA THR B 185 9.12 -22.87 7.84
C THR B 185 8.29 -21.73 8.42
N GLU B 186 7.23 -22.08 9.13
CA GLU B 186 6.49 -21.08 9.89
C GLU B 186 7.34 -20.63 11.07
N HIS B 187 7.69 -19.34 11.09
CA HIS B 187 8.39 -18.75 12.22
C HIS B 187 7.48 -17.76 12.91
N PRO B 188 7.67 -17.58 14.22
CA PRO B 188 7.03 -16.42 14.83
C PRO B 188 7.63 -15.17 14.19
N VAL B 189 6.86 -14.09 14.17
CA VAL B 189 7.36 -12.81 13.69
C VAL B 189 8.14 -12.16 14.82
N VAL B 190 7.86 -12.58 16.06
CA VAL B 190 8.70 -12.15 17.17
C VAL B 190 9.41 -13.34 17.78
N ARG B 191 10.73 -13.27 17.85
CA ARG B 191 11.47 -14.33 18.51
C ARG B 191 12.11 -13.75 19.76
N VAL B 192 12.24 -14.61 20.77
CA VAL B 192 12.89 -14.25 22.03
C VAL B 192 14.34 -14.70 21.92
N HIS B 193 15.26 -13.74 21.98
CA HIS B 193 16.68 -14.04 21.77
C HIS B 193 17.23 -14.92 22.89
N PRO B 194 17.79 -16.08 22.52
CA PRO B 194 18.31 -17.10 23.44
C PRO B 194 19.37 -16.62 24.43
N GLU B 195 20.09 -15.53 24.13
CA GLU B 195 21.16 -15.05 25.03
C GLU B 195 20.83 -13.73 25.73
N THR B 196 20.06 -12.87 25.08
CA THR B 196 19.81 -11.55 25.64
C THR B 196 18.42 -11.48 26.24
N GLY B 197 17.59 -12.43 25.86
CA GLY B 197 16.21 -12.40 26.27
C GLY B 197 15.38 -11.34 25.53
N GLU B 198 16.03 -10.52 24.71
CA GLU B 198 15.35 -9.44 23.98
C GLU B 198 14.46 -10.00 22.90
N ARG B 199 13.32 -9.34 22.69
CA ARG B 199 12.46 -9.66 21.56
C ARG B 199 12.93 -8.91 20.30
N THR B 200 12.89 -9.61 19.18
CA THR B 200 13.36 -9.07 17.92
C THR B 200 12.42 -9.48 16.82
N LEU B 201 12.30 -8.63 15.81
CA LEU B 201 11.44 -8.90 14.67
C LEU B 201 12.07 -9.87 13.68
N LEU B 202 11.33 -10.91 13.32
CA LEU B 202 11.80 -11.87 12.34
C LEU B 202 10.93 -11.77 11.09
N ALA B 203 11.53 -11.22 10.05
CA ALA B 203 10.84 -11.03 8.78
C ALA B 203 11.79 -11.27 7.62
N GLY B 204 11.97 -10.21 6.83
CA GLY B 204 12.95 -10.21 5.75
C GLY B 204 12.44 -10.84 4.49
N ASP B 205 13.32 -10.90 3.50
CA ASP B 205 12.97 -11.25 2.13
C ASP B 205 12.51 -12.70 1.89
N PHE B 206 12.62 -13.55 2.90
CA PHE B 206 12.20 -14.95 2.71
C PHE B 206 10.75 -15.17 3.09
N VAL B 207 10.22 -14.25 3.89
CA VAL B 207 8.81 -14.24 4.25
C VAL B 207 7.96 -14.32 2.97
N ARG B 208 7.24 -15.41 2.81
CA ARG B 208 6.38 -15.59 1.65
C ARG B 208 4.97 -15.09 1.96
N SER B 209 4.60 -15.15 3.23
CA SER B 209 3.26 -14.74 3.65
C SER B 209 3.10 -14.85 5.16
N PHE B 210 2.03 -14.25 5.69
CA PHE B 210 1.70 -14.38 7.09
C PHE B 210 0.56 -15.36 7.29
N VAL B 211 0.66 -16.12 8.38
CA VAL B 211 -0.31 -17.15 8.73
C VAL B 211 -1.68 -16.58 9.04
N GLY B 212 -2.71 -17.09 8.37
CA GLY B 212 -4.08 -16.67 8.59
C GLY B 212 -4.40 -15.32 7.98
N LEU B 213 -3.50 -14.82 7.14
CA LEU B 213 -3.70 -13.56 6.43
C LEU B 213 -3.60 -13.82 4.94
N ASP B 214 -4.36 -13.08 4.14
CA ASP B 214 -4.31 -13.25 2.70
C ASP B 214 -3.13 -12.45 2.09
N SER B 215 -2.97 -12.57 0.78
CA SER B 215 -1.84 -11.96 0.08
C SER B 215 -1.79 -10.44 0.21
N HIS B 216 -2.90 -9.77 -0.09
CA HIS B 216 -2.89 -8.32 -0.04
C HIS B 216 -2.53 -7.74 1.34
N GLU B 217 -3.10 -8.30 2.41
CA GLU B 217 -2.83 -7.83 3.77
C GLU B 217 -1.44 -8.26 4.20
N SER B 218 -1.00 -9.41 3.71
CA SER B 218 0.31 -9.92 4.08
C SER B 218 1.40 -9.02 3.51
N ARG B 219 1.19 -8.56 2.28
CA ARG B 219 2.19 -7.73 1.62
C ARG B 219 2.16 -6.33 2.20
N VAL B 220 1.02 -5.92 2.70
CA VAL B 220 0.90 -4.57 3.22
C VAL B 220 1.52 -4.48 4.61
N LEU B 221 1.24 -5.46 5.46
CA LEU B 221 1.82 -5.50 6.79
C LEU B 221 3.33 -5.73 6.74
N PHE B 222 3.78 -6.54 5.80
CA PHE B 222 5.19 -6.78 5.61
C PHE B 222 5.91 -5.45 5.38
N GLU B 223 5.42 -4.64 4.44
CA GLU B 223 5.98 -3.31 4.16
C GLU B 223 6.05 -2.44 5.39
N VAL B 224 4.93 -2.36 6.10
CA VAL B 224 4.85 -1.57 7.33
C VAL B 224 5.92 -1.98 8.33
N LEU B 225 6.21 -3.28 8.39
CA LEU B 225 7.22 -3.77 9.30
C LEU B 225 8.65 -3.53 8.78
N GLN B 226 8.85 -3.75 7.48
CA GLN B 226 10.15 -3.55 6.83
C GLN B 226 10.56 -2.09 6.82
N ARG B 227 9.59 -1.20 6.77
CA ARG B 227 9.84 0.24 6.77
C ARG B 227 10.39 0.72 8.11
N ARG B 228 9.85 0.17 9.20
CA ARG B 228 10.28 0.53 10.54
C ARG B 228 11.62 -0.11 10.88
N ILE B 229 11.83 -1.33 10.41
CA ILE B 229 13.09 -2.03 10.63
C ILE B 229 14.23 -1.32 9.89
N THR B 230 13.96 -0.85 8.67
CA THR B 230 15.00 -0.28 7.84
C THR B 230 15.06 1.24 7.89
N MET B 231 14.39 1.85 8.87
CA MET B 231 14.57 3.26 9.18
C MET B 231 16.06 3.58 9.31
N PRO B 232 16.55 4.59 8.58
CA PRO B 232 17.98 4.93 8.66
C PRO B 232 18.52 5.08 10.08
N GLU B 233 17.68 5.52 11.02
CA GLU B 233 18.09 5.66 12.42
C GLU B 233 18.38 4.30 13.09
N ASN B 234 18.07 3.23 12.37
CA ASN B 234 18.11 1.90 12.92
C ASN B 234 19.05 1.03 12.09
N THR B 235 19.84 1.69 11.27
CA THR B 235 20.71 0.95 10.36
C THR B 235 22.12 1.52 10.37
N ILE B 236 23.04 0.72 9.87
CA ILE B 236 24.40 1.15 9.65
C ILE B 236 24.80 0.70 8.25
N ARG B 237 25.58 1.55 7.58
CA ARG B 237 26.06 1.26 6.24
C ARG B 237 27.59 1.28 6.29
N TRP B 238 28.20 0.16 5.97
CA TRP B 238 29.63 0.03 6.16
C TRP B 238 30.39 0.18 4.86
N ASN B 239 31.25 1.18 4.80
CA ASN B 239 32.22 1.29 3.74
C ASN B 239 33.40 0.35 4.01
N TRP B 240 33.50 -0.69 3.19
CA TRP B 240 34.55 -1.68 3.31
C TRP B 240 35.97 -1.13 2.99
N ALA B 241 36.93 -1.46 3.84
CA ALA B 241 38.34 -1.25 3.52
C ALA B 241 39.05 -2.59 3.68
N PRO B 242 40.26 -2.71 3.10
CA PRO B 242 41.08 -3.91 3.31
C PRO B 242 41.44 -4.12 4.76
N GLY B 243 41.47 -5.38 5.19
CA GLY B 243 41.70 -5.70 6.59
C GLY B 243 40.44 -5.60 7.43
N ASP B 244 39.30 -5.41 6.76
CA ASP B 244 38.02 -5.24 7.45
C ASP B 244 37.33 -6.57 7.71
N VAL B 245 36.92 -6.77 8.96
CA VAL B 245 36.09 -7.92 9.29
C VAL B 245 34.81 -7.48 9.98
N ALA B 246 33.70 -8.09 9.56
CA ALA B 246 32.42 -7.79 10.19
C ALA B 246 31.86 -9.02 10.89
N ILE B 247 31.32 -8.84 12.09
CA ILE B 247 30.55 -9.90 12.75
C ILE B 247 29.17 -9.42 13.15
N TRP B 248 28.14 -10.12 12.72
CA TRP B 248 26.79 -9.78 13.15
C TRP B 248 26.00 -10.93 13.76
N ASP B 249 25.13 -10.55 14.69
CA ASP B 249 24.16 -11.43 15.28
C ASP B 249 23.01 -11.54 14.30
N ASN B 250 22.99 -12.62 13.53
CA ASN B 250 21.92 -12.90 12.61
C ASN B 250 20.55 -13.12 13.29
N ARG B 251 20.54 -13.17 14.62
CA ARG B 251 19.29 -13.41 15.35
C ARG B 251 18.62 -12.10 15.80
N ALA B 252 19.25 -10.98 15.48
CA ALA B 252 18.76 -9.68 15.90
C ALA B 252 19.04 -8.62 14.84
N THR B 253 19.26 -9.06 13.61
CA THR B 253 19.53 -8.13 12.53
C THR B 253 18.94 -8.58 11.21
N GLN B 254 18.93 -7.63 10.28
CA GLN B 254 18.79 -7.91 8.86
C GLN B 254 20.00 -7.28 8.13
N HIS B 255 20.36 -7.84 6.98
CA HIS B 255 21.42 -7.24 6.21
C HIS B 255 21.06 -7.13 4.71
N ARG B 256 21.77 -6.24 4.01
CA ARG B 256 21.49 -5.96 2.61
C ARG B 256 22.78 -5.48 1.91
N ALA B 257 23.18 -6.21 0.87
CA ALA B 257 24.28 -5.77 0.04
C ALA B 257 23.80 -4.67 -0.92
N ILE B 258 24.69 -3.73 -1.19
CA ILE B 258 24.39 -2.68 -2.13
C ILE B 258 25.20 -2.91 -3.40
N ASP B 259 24.49 -3.00 -4.52
CA ASP B 259 25.11 -3.26 -5.82
C ASP B 259 25.40 -1.96 -6.60
N ASP B 260 26.42 -1.22 -6.18
CA ASP B 260 26.72 0.06 -6.82
C ASP B 260 28.21 0.27 -7.07
N TYR B 261 28.89 -0.82 -7.39
CA TYR B 261 30.30 -0.79 -7.73
C TYR B 261 30.38 -1.16 -9.21
N ASP B 262 29.27 -0.95 -9.91
CA ASP B 262 29.20 -1.20 -11.34
C ASP B 262 29.71 -2.58 -11.71
N ASP B 263 29.28 -3.58 -10.94
CA ASP B 263 29.65 -4.96 -11.20
C ASP B 263 31.14 -5.10 -11.50
N GLN B 264 31.95 -4.28 -10.83
CA GLN B 264 33.36 -4.53 -10.73
C GLN B 264 33.50 -5.90 -10.07
N HIS B 265 34.73 -6.33 -9.83
CA HIS B 265 34.96 -7.58 -9.14
C HIS B 265 35.07 -7.37 -7.62
N ARG B 266 34.49 -8.31 -6.86
CA ARG B 266 34.40 -8.17 -5.42
C ARG B 266 34.44 -9.54 -4.76
N LEU B 267 35.26 -9.68 -3.72
CA LEU B 267 35.36 -10.95 -3.03
C LEU B 267 35.33 -10.79 -1.52
N MET B 268 34.45 -11.52 -0.87
CA MET B 268 34.34 -11.51 0.59
C MET B 268 34.28 -12.95 1.06
N HIS B 269 34.97 -13.25 2.15
CA HIS B 269 34.86 -14.59 2.72
C HIS B 269 33.97 -14.59 3.97
N ARG B 270 33.07 -15.56 4.03
CA ARG B 270 32.07 -15.65 5.10
C ARG B 270 32.10 -16.97 5.82
N VAL B 271 32.15 -16.92 7.14
CA VAL B 271 31.96 -18.10 7.96
C VAL B 271 30.67 -17.95 8.75
N THR B 272 29.78 -18.92 8.58
CA THR B 272 28.51 -18.88 9.28
C THR B 272 28.49 -19.81 10.50
N LEU B 273 27.85 -19.36 11.57
CA LEU B 273 27.75 -20.17 12.77
C LEU B 273 26.32 -20.66 13.01
N MET B 274 26.24 -21.91 13.47
CA MET B 274 24.99 -22.61 13.74
C MET B 274 24.14 -21.87 14.78
N GLY B 275 22.83 -21.83 14.56
CA GLY B 275 21.91 -21.17 15.48
C GLY B 275 20.79 -22.05 15.99
N ASP B 276 20.02 -21.54 16.94
CA ASP B 276 18.89 -22.29 17.51
C ASP B 276 17.56 -22.06 16.77
N VAL B 277 16.60 -22.93 17.02
CA VAL B 277 15.21 -22.74 16.58
C VAL B 277 14.59 -21.62 17.38
N PRO B 278 13.80 -20.75 16.73
CA PRO B 278 13.23 -19.60 17.44
C PRO B 278 11.97 -19.96 18.23
N VAL B 279 11.78 -19.27 19.34
CA VAL B 279 10.64 -19.46 20.18
C VAL B 279 9.91 -18.12 20.33
N ASP B 280 8.59 -18.14 20.23
CA ASP B 280 7.84 -16.90 20.36
C ASP B 280 7.68 -16.49 21.81
N VAL B 281 6.89 -15.45 22.07
CA VAL B 281 6.78 -14.90 23.41
C VAL B 281 5.87 -15.71 24.35
N TYR B 282 5.35 -16.85 23.89
CA TYR B 282 4.56 -17.74 24.75
C TYR B 282 5.27 -19.08 24.89
N GLY B 283 6.47 -19.15 24.33
CA GLY B 283 7.27 -20.36 24.38
C GLY B 283 7.02 -21.37 23.27
N GLN B 284 6.31 -20.97 22.23
CA GLN B 284 6.10 -21.88 21.10
C GLN B 284 7.24 -21.76 20.08
N ALA B 285 7.63 -22.89 19.51
CA ALA B 285 8.75 -22.91 18.58
C ALA B 285 8.29 -22.92 17.13
N SER B 286 9.18 -22.52 16.22
CA SER B 286 8.90 -22.56 14.80
C SER B 286 8.55 -23.98 14.35
N ARG B 287 7.74 -24.10 13.29
CA ARG B 287 7.34 -25.40 12.75
C ARG B 287 7.89 -25.60 11.34
N VAL B 288 8.46 -26.76 11.08
CA VAL B 288 8.84 -27.09 9.72
C VAL B 288 7.60 -27.53 8.95
N ILE B 289 7.57 -27.22 7.66
CA ILE B 289 6.54 -27.72 6.77
C ILE B 289 7.25 -28.62 5.76
N SER B 290 8.46 -28.20 5.37
CA SER B 290 9.25 -28.93 4.40
C SER B 290 10.73 -28.79 4.71
N GLY B 291 11.44 -29.92 4.75
CA GLY B 291 12.88 -29.91 4.91
C GLY B 291 13.39 -30.22 6.31
N ALA B 292 14.70 -30.39 6.42
CA ALA B 292 15.32 -30.73 7.69
C ALA B 292 16.32 -29.67 8.13
N PRO B 293 16.56 -29.56 9.44
CA PRO B 293 17.55 -28.67 10.06
C PRO B 293 18.85 -28.54 9.26
N LEU C 7 -41.91 -3.18 -29.09
CA LEU C 7 -42.24 -4.13 -28.02
C LEU C 7 -41.06 -4.47 -27.09
N ILE C 8 -39.83 -4.33 -27.60
CA ILE C 8 -38.65 -4.55 -26.77
C ILE C 8 -38.23 -3.25 -26.09
N THR C 9 -38.24 -3.27 -24.76
CA THR C 9 -37.85 -2.08 -24.01
C THR C 9 -36.61 -2.34 -23.14
N VAL C 10 -35.70 -1.37 -23.17
CA VAL C 10 -34.46 -1.45 -22.40
C VAL C 10 -34.50 -0.40 -21.29
N LYS C 11 -34.38 -0.85 -20.04
CA LYS C 11 -34.37 0.08 -18.92
C LYS C 11 -33.01 0.11 -18.24
N LYS C 12 -32.47 1.33 -18.10
CA LYS C 12 -31.21 1.54 -17.42
C LYS C 12 -31.37 1.18 -15.94
N LEU C 13 -30.41 0.46 -15.37
CA LEU C 13 -30.48 0.06 -13.97
C LEU C 13 -29.62 0.94 -13.07
N GLY C 14 -28.52 1.45 -13.63
CA GLY C 14 -27.62 2.37 -12.96
C GLY C 14 -27.11 3.35 -14.00
N SER C 15 -26.51 4.45 -13.57
CA SER C 15 -26.09 5.49 -14.52
C SER C 15 -24.86 5.12 -15.33
N ARG C 16 -24.07 4.16 -14.87
CA ARG C 16 -22.81 3.84 -15.54
C ARG C 16 -22.79 2.43 -16.10
N ILE C 17 -23.71 1.60 -15.63
CA ILE C 17 -23.68 0.19 -16.00
C ILE C 17 -25.02 -0.48 -15.72
N GLY C 18 -25.39 -1.39 -16.61
CA GLY C 18 -26.56 -2.24 -16.42
C GLY C 18 -27.87 -1.85 -17.05
N ALA C 19 -28.55 -2.85 -17.61
CA ALA C 19 -29.90 -2.64 -18.11
C ALA C 19 -30.72 -3.94 -18.08
N GLN C 20 -32.02 -3.78 -17.89
CA GLN C 20 -32.94 -4.88 -18.05
C GLN C 20 -33.66 -4.75 -19.38
N ILE C 21 -33.81 -5.90 -20.05
CA ILE C 21 -34.45 -5.96 -21.34
C ILE C 21 -35.74 -6.74 -21.22
N ASP C 22 -36.85 -6.01 -21.35
CA ASP C 22 -38.17 -6.61 -21.25
C ASP C 22 -38.76 -6.74 -22.65
N GLY C 23 -39.69 -7.68 -22.79
CA GLY C 23 -40.39 -7.89 -24.04
C GLY C 23 -39.61 -8.81 -24.96
N VAL C 24 -39.04 -9.86 -24.39
CA VAL C 24 -38.20 -10.79 -25.15
C VAL C 24 -38.14 -12.19 -24.55
N ARG C 25 -38.48 -13.18 -25.35
CA ARG C 25 -38.24 -14.57 -24.97
C ARG C 25 -37.03 -15.09 -25.74
N LEU C 26 -36.11 -15.67 -24.99
CA LEU C 26 -34.82 -16.07 -25.57
C LEU C 26 -34.86 -17.46 -26.20
N GLY C 27 -34.19 -17.58 -27.33
CA GLY C 27 -34.11 -18.83 -28.06
C GLY C 27 -33.40 -18.57 -29.37
N GLY C 28 -33.39 -19.56 -30.26
CA GLY C 28 -32.65 -19.44 -31.51
C GLY C 28 -33.47 -18.86 -32.64
N ASP C 29 -34.66 -18.39 -32.33
CA ASP C 29 -35.63 -18.03 -33.37
C ASP C 29 -35.87 -16.52 -33.54
N LEU C 30 -35.16 -15.72 -32.77
CA LEU C 30 -35.41 -14.29 -32.75
C LEU C 30 -35.03 -13.64 -34.07
N ASP C 31 -35.78 -12.60 -34.42
CA ASP C 31 -35.54 -11.80 -35.60
C ASP C 31 -34.11 -11.23 -35.56
N PRO C 32 -33.47 -11.08 -36.73
CA PRO C 32 -32.19 -10.36 -36.73
C PRO C 32 -32.28 -9.02 -36.01
N ALA C 33 -33.37 -8.27 -36.22
CA ALA C 33 -33.54 -6.95 -35.61
C ALA C 33 -33.63 -6.99 -34.08
N ALA C 34 -34.16 -8.09 -33.54
CA ALA C 34 -34.28 -8.26 -32.10
C ALA C 34 -32.92 -8.61 -31.49
N VAL C 35 -32.30 -9.65 -32.03
CA VAL C 35 -30.98 -10.08 -31.58
C VAL C 35 -29.99 -8.93 -31.75
N ASN C 36 -30.36 -7.95 -32.56
CA ASN C 36 -29.54 -6.76 -32.77
C ASN C 36 -29.85 -5.65 -31.78
N GLU C 37 -31.12 -5.60 -31.35
CA GLU C 37 -31.51 -4.69 -30.28
C GLU C 37 -30.73 -5.11 -29.04
N ILE C 38 -30.57 -6.42 -28.90
CA ILE C 38 -29.87 -6.99 -27.76
C ILE C 38 -28.37 -6.70 -27.81
N ARG C 39 -27.79 -6.81 -28.99
CA ARG C 39 -26.35 -6.57 -29.14
C ARG C 39 -26.00 -5.13 -28.78
N ALA C 40 -26.80 -4.17 -29.23
CA ALA C 40 -26.55 -2.76 -28.96
C ALA C 40 -26.75 -2.37 -27.49
N ALA C 41 -27.80 -2.88 -26.87
CA ALA C 41 -27.99 -2.69 -25.43
C ALA C 41 -26.78 -3.25 -24.66
N LEU C 42 -26.32 -4.42 -25.07
CA LEU C 42 -25.16 -5.04 -24.43
C LEU C 42 -23.94 -4.15 -24.55
N LEU C 43 -23.70 -3.63 -25.74
CA LEU C 43 -22.52 -2.80 -25.96
C LEU C 43 -22.58 -1.55 -25.11
N ALA C 44 -23.72 -0.86 -25.14
CA ALA C 44 -23.83 0.40 -24.42
C ALA C 44 -23.96 0.24 -22.90
N HIS C 45 -24.61 -0.82 -22.44
CA HIS C 45 -24.85 -0.97 -20.99
C HIS C 45 -23.96 -2.02 -20.31
N LYS C 46 -23.28 -2.82 -21.13
CA LYS C 46 -22.18 -3.69 -20.70
C LYS C 46 -22.64 -5.00 -20.06
N VAL C 47 -23.66 -4.94 -19.22
CA VAL C 47 -24.33 -6.17 -18.79
C VAL C 47 -25.85 -5.98 -18.83
N VAL C 48 -26.56 -6.93 -19.44
CA VAL C 48 -28.03 -6.81 -19.55
C VAL C 48 -28.74 -8.03 -18.97
N PHE C 49 -29.91 -7.78 -18.39
CA PHE C 49 -30.66 -8.82 -17.68
C PHE C 49 -32.03 -9.12 -18.26
N PHE C 50 -32.40 -10.39 -18.17
CA PHE C 50 -33.70 -10.88 -18.60
C PHE C 50 -34.36 -11.60 -17.45
N ARG C 51 -35.56 -11.16 -17.14
CA ARG C 51 -36.36 -11.78 -16.10
C ARG C 51 -37.41 -12.72 -16.69
N GLY C 52 -37.88 -13.66 -15.88
CA GLY C 52 -38.94 -14.56 -16.28
C GLY C 52 -38.66 -15.21 -17.62
N GLN C 53 -37.67 -16.09 -17.62
CA GLN C 53 -37.27 -16.79 -18.84
C GLN C 53 -37.26 -18.26 -18.50
N HIS C 54 -38.38 -18.70 -17.95
CA HIS C 54 -38.50 -20.03 -17.36
C HIS C 54 -38.44 -21.16 -18.39
N GLN C 55 -38.50 -20.80 -19.67
CA GLN C 55 -38.49 -21.81 -20.72
C GLN C 55 -37.09 -22.38 -20.99
N LEU C 56 -36.13 -21.50 -21.19
CA LEU C 56 -34.76 -21.88 -21.57
C LEU C 56 -34.26 -23.19 -20.95
N ASP C 57 -33.49 -23.93 -21.74
CA ASP C 57 -32.75 -25.08 -21.22
C ASP C 57 -31.38 -25.14 -21.88
N ASP C 58 -30.55 -26.07 -21.43
CA ASP C 58 -29.15 -26.13 -21.85
C ASP C 58 -28.97 -26.24 -23.37
N ALA C 59 -30.08 -26.33 -24.10
CA ALA C 59 -30.03 -26.41 -25.55
C ALA C 59 -30.68 -25.17 -26.17
N GLU C 60 -31.54 -24.52 -25.39
CA GLU C 60 -32.16 -23.26 -25.77
C GLU C 60 -31.17 -22.11 -25.60
N GLN C 61 -30.39 -22.17 -24.51
CA GLN C 61 -29.35 -21.18 -24.26
C GLN C 61 -28.37 -21.21 -25.42
N LEU C 62 -27.77 -22.37 -25.66
CA LEU C 62 -26.77 -22.50 -26.73
C LEU C 62 -27.30 -21.94 -28.05
N ALA C 63 -28.53 -22.32 -28.38
CA ALA C 63 -29.14 -21.90 -29.63
C ALA C 63 -29.16 -20.38 -29.74
N PHE C 64 -29.47 -19.72 -28.64
CA PHE C 64 -29.54 -18.27 -28.63
C PHE C 64 -28.15 -17.66 -28.75
N ALA C 65 -27.19 -18.21 -28.01
CA ALA C 65 -25.82 -17.73 -28.01
C ALA C 65 -25.25 -17.59 -29.43
N GLY C 66 -25.34 -18.67 -30.21
CA GLY C 66 -24.89 -18.64 -31.60
C GLY C 66 -25.45 -17.47 -32.41
N LEU C 67 -26.55 -16.88 -31.94
CA LEU C 67 -27.15 -15.74 -32.61
C LEU C 67 -26.38 -14.45 -32.36
N LEU C 68 -25.54 -14.48 -31.33
CA LEU C 68 -24.71 -13.34 -31.00
C LEU C 68 -23.25 -13.64 -31.25
N GLY C 69 -22.91 -14.91 -31.45
CA GLY C 69 -21.53 -15.26 -31.69
C GLY C 69 -21.22 -16.72 -31.91
N THR C 70 -20.04 -17.11 -31.46
CA THR C 70 -19.52 -18.45 -31.70
C THR C 70 -19.14 -19.11 -30.38
N PRO C 71 -19.97 -20.05 -29.92
CA PRO C 71 -19.79 -20.75 -28.63
C PRO C 71 -18.45 -21.48 -28.52
N ILE C 72 -18.22 -22.12 -27.38
CA ILE C 72 -16.92 -22.71 -27.06
C ILE C 72 -17.02 -23.94 -26.17
N ALA C 97 -14.42 -18.02 -7.57
CA ALA C 97 -15.00 -17.01 -8.45
C ALA C 97 -15.37 -15.74 -7.68
N ASN C 98 -15.00 -15.70 -6.39
CA ASN C 98 -15.27 -14.53 -5.56
C ASN C 98 -14.09 -13.54 -5.46
N ARG C 99 -13.39 -13.36 -6.57
CA ARG C 99 -12.43 -12.29 -6.72
C ARG C 99 -12.76 -11.52 -7.99
N TRP C 100 -12.72 -10.18 -7.92
CA TRP C 100 -12.98 -9.36 -9.09
C TRP C 100 -12.07 -9.79 -10.24
N HIS C 101 -12.64 -10.05 -11.41
CA HIS C 101 -11.82 -10.47 -12.54
C HIS C 101 -12.53 -10.36 -13.89
N THR C 102 -11.73 -10.35 -14.96
CA THR C 102 -12.23 -10.53 -16.31
C THR C 102 -11.97 -11.97 -16.77
N ASP C 103 -13.00 -12.63 -17.29
CA ASP C 103 -12.96 -14.03 -17.69
C ASP C 103 -11.74 -14.48 -18.49
N VAL C 104 -11.00 -15.44 -17.94
CA VAL C 104 -9.98 -16.14 -18.70
C VAL C 104 -9.01 -15.20 -19.42
N THR C 105 -8.29 -14.37 -18.64
CA THR C 105 -7.38 -13.40 -19.23
C THR C 105 -5.93 -13.90 -19.30
N PHE C 106 -5.69 -15.09 -18.75
CA PHE C 106 -4.42 -15.78 -18.95
C PHE C 106 -4.36 -16.36 -20.36
N ALA C 107 -5.43 -16.13 -21.12
CA ALA C 107 -5.47 -16.50 -22.52
C ALA C 107 -5.31 -15.27 -23.38
N ALA C 108 -4.67 -15.43 -24.54
CA ALA C 108 -4.48 -14.32 -25.47
C ALA C 108 -5.79 -13.86 -26.11
N ASN C 109 -6.67 -14.80 -26.43
CA ASN C 109 -7.96 -14.47 -27.03
C ASN C 109 -9.12 -14.98 -26.19
N TYR C 110 -9.45 -14.22 -25.17
CA TYR C 110 -10.45 -14.63 -24.21
C TYR C 110 -11.88 -14.35 -24.68
N PRO C 111 -12.87 -14.79 -23.89
CA PRO C 111 -14.29 -14.60 -24.21
C PRO C 111 -14.66 -13.14 -24.42
N ALA C 112 -15.49 -12.91 -25.44
CA ALA C 112 -16.00 -11.58 -25.73
C ALA C 112 -17.26 -11.28 -24.93
N ALA C 113 -17.93 -12.35 -24.50
CA ALA C 113 -19.21 -12.21 -23.82
C ALA C 113 -19.68 -13.57 -23.35
N SER C 114 -20.50 -13.58 -22.31
CA SER C 114 -21.05 -14.82 -21.79
C SER C 114 -22.56 -14.72 -21.55
N VAL C 115 -23.23 -15.87 -21.60
CA VAL C 115 -24.64 -15.97 -21.24
C VAL C 115 -24.78 -16.84 -19.99
N LEU C 116 -25.53 -16.36 -19.02
CA LEU C 116 -25.63 -17.08 -17.75
C LEU C 116 -27.07 -17.14 -17.30
N ARG C 117 -27.51 -18.36 -16.98
CA ARG C 117 -28.88 -18.60 -16.49
C ARG C 117 -28.86 -19.24 -15.11
N ALA C 118 -29.80 -18.82 -14.28
CA ALA C 118 -30.02 -19.48 -13.00
C ALA C 118 -30.71 -20.84 -13.21
N VAL C 119 -30.26 -21.83 -12.45
CA VAL C 119 -30.89 -23.15 -12.44
C VAL C 119 -31.52 -23.39 -11.08
N SER C 120 -30.68 -23.75 -10.09
CA SER C 120 -31.12 -23.81 -8.71
C SER C 120 -30.35 -22.80 -7.87
N LEU C 121 -31.09 -22.00 -7.13
CA LEU C 121 -30.50 -20.94 -6.34
C LEU C 121 -30.61 -21.25 -4.85
N PRO C 122 -29.65 -20.74 -4.07
CA PRO C 122 -29.76 -20.82 -2.61
C PRO C 122 -31.02 -20.10 -2.14
N SER C 123 -31.36 -20.22 -0.87
CA SER C 123 -32.55 -19.57 -0.35
C SER C 123 -32.21 -18.14 0.06
N TYR C 124 -30.91 -17.87 0.22
CA TYR C 124 -30.43 -16.51 0.42
C TYR C 124 -29.01 -16.35 -0.14
N GLY C 125 -28.69 -15.11 -0.52
CA GLY C 125 -27.40 -14.81 -1.13
C GLY C 125 -27.32 -15.17 -2.60
N GLY C 126 -26.10 -15.25 -3.13
CA GLY C 126 -25.90 -15.66 -4.51
C GLY C 126 -26.00 -14.54 -5.52
N SER C 127 -25.96 -13.30 -5.05
CA SER C 127 -25.86 -12.15 -5.93
C SER C 127 -24.56 -12.18 -6.74
N THR C 128 -24.55 -11.44 -7.83
CA THR C 128 -23.34 -11.28 -8.63
C THR C 128 -23.07 -9.78 -8.86
N LEU C 129 -21.79 -9.46 -9.02
CA LEU C 129 -21.35 -8.09 -9.25
C LEU C 129 -20.70 -7.99 -10.64
N TRP C 130 -21.01 -6.90 -11.35
CA TRP C 130 -20.26 -6.50 -12.54
C TRP C 130 -19.74 -5.07 -12.38
N ALA C 131 -18.64 -4.76 -13.05
CA ALA C 131 -18.06 -3.42 -13.08
C ALA C 131 -17.74 -3.00 -14.53
N ASN C 132 -17.90 -1.72 -14.82
CA ASN C 132 -17.74 -1.23 -16.19
C ASN C 132 -16.30 -0.73 -16.45
N THR C 133 -15.48 -1.55 -17.10
CA THR C 133 -14.10 -1.15 -17.34
C THR C 133 -13.94 -0.05 -18.37
N ALA C 134 -14.95 0.20 -19.19
CA ALA C 134 -14.90 1.36 -20.08
C ALA C 134 -15.12 2.68 -19.34
N ALA C 135 -16.14 2.72 -18.48
CA ALA C 135 -16.39 3.92 -17.69
C ALA C 135 -15.17 4.23 -16.78
N ALA C 136 -14.51 3.19 -16.29
CA ALA C 136 -13.38 3.39 -15.39
C ALA C 136 -12.20 4.06 -16.10
N TYR C 137 -11.91 3.62 -17.31
CA TYR C 137 -10.85 4.23 -18.08
C TYR C 137 -11.21 5.70 -18.33
N ALA C 138 -12.38 5.90 -18.90
CA ALA C 138 -12.86 7.21 -19.30
C ALA C 138 -12.77 8.20 -18.15
N GLU C 139 -12.82 7.70 -16.92
CA GLU C 139 -12.84 8.61 -15.79
C GLU C 139 -11.50 8.80 -15.10
N LEU C 140 -10.52 8.01 -15.49
CA LEU C 140 -9.16 8.21 -14.98
C LEU C 140 -8.71 9.64 -15.21
N PRO C 141 -8.04 10.23 -14.21
CA PRO C 141 -7.36 11.51 -14.46
C PRO C 141 -6.25 11.28 -15.46
N GLU C 142 -5.89 12.33 -16.22
CA GLU C 142 -5.00 12.20 -17.37
C GLU C 142 -3.63 11.56 -17.10
N PRO C 143 -3.02 11.87 -15.95
CA PRO C 143 -1.77 11.16 -15.64
C PRO C 143 -1.96 9.64 -15.59
N LEU C 144 -3.03 9.18 -14.96
CA LEU C 144 -3.34 7.75 -14.92
C LEU C 144 -3.65 7.18 -16.31
N LYS C 145 -4.39 7.92 -17.13
CA LYS C 145 -4.60 7.51 -18.51
C LYS C 145 -3.26 7.25 -19.19
N CYS C 146 -2.38 8.25 -19.11
CA CYS C 146 -1.04 8.09 -19.65
C CYS C 146 -0.38 6.80 -19.15
N LEU C 147 -0.35 6.61 -17.84
CA LEU C 147 0.25 5.38 -17.29
C LEU C 147 -0.40 4.12 -17.88
N THR C 148 -1.71 4.07 -17.89
CA THR C 148 -2.40 2.85 -18.32
C THR C 148 -2.32 2.60 -19.83
N GLU C 149 -2.40 3.65 -20.64
CA GLU C 149 -2.23 3.48 -22.08
C GLU C 149 -0.89 2.85 -22.44
N ASN C 150 0.07 2.95 -21.53
CA ASN C 150 1.41 2.44 -21.80
C ASN C 150 1.83 1.28 -20.91
N LEU C 151 0.90 0.84 -20.06
CA LEU C 151 1.17 -0.23 -19.12
C LEU C 151 0.73 -1.57 -19.69
N TRP C 152 1.53 -2.61 -19.48
CA TRP C 152 1.18 -3.96 -19.90
C TRP C 152 1.19 -4.95 -18.71
N ALA C 153 0.24 -5.88 -18.69
CA ALA C 153 0.16 -6.81 -17.56
C ALA C 153 0.42 -8.27 -17.97
N LEU C 154 0.99 -9.03 -17.03
CA LEU C 154 1.15 -10.46 -17.22
C LEU C 154 0.00 -11.23 -16.53
N HIS C 155 -0.73 -12.03 -17.31
CA HIS C 155 -1.89 -12.76 -16.80
C HIS C 155 -1.59 -14.24 -16.67
N THR C 156 -1.71 -14.77 -15.46
CA THR C 156 -1.45 -16.18 -15.20
C THR C 156 -2.57 -16.79 -14.37
N ASN C 157 -2.94 -18.03 -14.69
CA ASN C 157 -3.88 -18.77 -13.86
C ASN C 157 -3.18 -19.34 -12.63
N PHE C 183 -0.02 -20.97 -17.30
CA PHE C 183 -0.11 -20.21 -18.54
C PHE C 183 0.13 -18.73 -18.31
N ARG C 184 0.79 -18.09 -19.27
CA ARG C 184 1.17 -16.69 -19.12
C ARG C 184 0.92 -15.92 -20.42
N THR C 185 0.49 -14.68 -20.28
CA THR C 185 0.15 -13.85 -21.45
C THR C 185 0.40 -12.38 -21.11
N GLU C 186 0.65 -11.58 -22.13
CA GLU C 186 0.93 -10.16 -21.91
C GLU C 186 -0.13 -9.30 -22.55
N HIS C 187 -0.99 -8.71 -21.73
CA HIS C 187 -2.06 -7.85 -22.22
C HIS C 187 -1.75 -6.38 -21.95
N PRO C 188 -2.35 -5.49 -22.75
CA PRO C 188 -2.30 -4.07 -22.45
C PRO C 188 -3.26 -3.82 -21.29
N VAL C 189 -3.00 -2.77 -20.52
CA VAL C 189 -3.88 -2.41 -19.42
C VAL C 189 -5.08 -1.62 -19.97
N VAL C 190 -4.86 -0.90 -21.08
CA VAL C 190 -5.98 -0.30 -21.81
C VAL C 190 -6.11 -1.00 -23.16
N ARG C 191 -7.24 -1.68 -23.38
CA ARG C 191 -7.50 -2.28 -24.68
C ARG C 191 -8.53 -1.45 -25.43
N VAL C 192 -8.44 -1.45 -26.75
CA VAL C 192 -9.45 -0.78 -27.55
C VAL C 192 -10.49 -1.81 -27.97
N HIS C 193 -11.76 -1.50 -27.73
CA HIS C 193 -12.85 -2.43 -27.99
C HIS C 193 -13.11 -2.56 -29.48
N PRO C 194 -13.13 -3.81 -29.98
CA PRO C 194 -13.33 -4.18 -31.40
C PRO C 194 -14.61 -3.59 -32.02
N GLU C 195 -15.67 -3.46 -31.24
CA GLU C 195 -16.94 -3.03 -31.81
C GLU C 195 -17.27 -1.56 -31.58
N THR C 196 -17.08 -1.07 -30.36
CA THR C 196 -17.54 0.26 -30.00
C THR C 196 -16.41 1.28 -30.16
N GLY C 197 -15.18 0.78 -30.20
CA GLY C 197 -14.02 1.65 -30.23
C GLY C 197 -13.54 2.02 -28.84
N GLU C 198 -14.43 1.97 -27.86
CA GLU C 198 -14.11 2.35 -26.48
C GLU C 198 -12.82 1.74 -25.94
N ARG C 199 -12.02 2.58 -25.27
CA ARG C 199 -10.89 2.12 -24.47
C ARG C 199 -11.41 1.61 -23.12
N THR C 200 -10.96 0.42 -22.73
CA THR C 200 -11.44 -0.17 -21.51
C THR C 200 -10.27 -0.76 -20.74
N LEU C 201 -10.35 -0.79 -19.40
CA LEU C 201 -9.26 -1.29 -18.57
C LEU C 201 -9.22 -2.81 -18.55
N LEU C 202 -8.04 -3.37 -18.81
CA LEU C 202 -7.87 -4.81 -18.77
C LEU C 202 -6.94 -5.20 -17.62
N ALA C 203 -7.57 -5.60 -16.52
CA ALA C 203 -6.87 -5.99 -15.33
C ALA C 203 -7.54 -7.22 -14.70
N GLY C 204 -7.86 -7.17 -13.41
CA GLY C 204 -8.51 -8.29 -12.74
C GLY C 204 -7.57 -9.26 -12.05
N ASP C 205 -8.12 -10.31 -11.47
CA ASP C 205 -7.38 -11.20 -10.56
C ASP C 205 -6.29 -12.04 -11.26
N PHE C 206 -6.46 -12.32 -12.54
CA PHE C 206 -5.47 -13.14 -13.23
C PHE C 206 -4.18 -12.38 -13.51
N VAL C 207 -4.15 -11.11 -13.13
CA VAL C 207 -2.93 -10.32 -13.25
C VAL C 207 -1.94 -10.67 -12.15
N ARG C 208 -0.74 -11.08 -12.56
CA ARG C 208 0.29 -11.48 -11.61
C ARG C 208 1.33 -10.38 -11.47
N SER C 209 1.47 -9.54 -12.50
CA SER C 209 2.43 -8.45 -12.47
C SER C 209 2.29 -7.47 -13.63
N PHE C 210 2.94 -6.32 -13.51
CA PHE C 210 3.02 -5.39 -14.64
C PHE C 210 4.40 -5.49 -15.27
N VAL C 211 4.44 -5.39 -16.60
CA VAL C 211 5.69 -5.52 -17.33
C VAL C 211 6.66 -4.37 -17.06
N GLY C 212 7.83 -4.69 -16.51
CA GLY C 212 8.87 -3.70 -16.27
C GLY C 212 8.82 -3.09 -14.88
N LEU C 213 7.79 -3.48 -14.13
CA LEU C 213 7.65 -3.06 -12.74
C LEU C 213 7.94 -4.23 -11.83
N ASP C 214 8.38 -3.94 -10.61
CA ASP C 214 8.70 -5.04 -9.70
C ASP C 214 7.44 -5.50 -8.98
N SER C 215 7.54 -6.64 -8.31
CA SER C 215 6.43 -7.21 -7.58
C SER C 215 5.70 -6.15 -6.76
N HIS C 216 6.44 -5.40 -5.95
CA HIS C 216 5.81 -4.47 -5.03
C HIS C 216 5.13 -3.27 -5.73
N GLU C 217 5.66 -2.90 -6.88
CA GLU C 217 5.13 -1.76 -7.63
C GLU C 217 3.86 -2.19 -8.32
N SER C 218 3.91 -3.36 -8.95
CA SER C 218 2.79 -3.94 -9.63
C SER C 218 1.60 -3.98 -8.71
N ARG C 219 1.81 -4.61 -7.56
CA ARG C 219 0.74 -4.80 -6.59
C ARG C 219 0.03 -3.49 -6.27
N VAL C 220 0.82 -2.49 -5.88
CA VAL C 220 0.28 -1.19 -5.45
C VAL C 220 -0.57 -0.52 -6.53
N LEU C 221 -0.08 -0.56 -7.77
CA LEU C 221 -0.77 0.07 -8.87
C LEU C 221 -2.00 -0.73 -9.22
N PHE C 222 -1.88 -2.05 -9.12
CA PHE C 222 -2.99 -2.93 -9.43
C PHE C 222 -4.16 -2.56 -8.55
N GLU C 223 -3.90 -2.43 -7.24
CA GLU C 223 -4.95 -2.03 -6.31
C GLU C 223 -5.51 -0.63 -6.58
N VAL C 224 -4.65 0.30 -7.03
CA VAL C 224 -5.14 1.63 -7.37
C VAL C 224 -6.17 1.54 -8.49
N LEU C 225 -5.83 0.76 -9.52
CA LEU C 225 -6.74 0.54 -10.63
C LEU C 225 -8.04 -0.16 -10.19
N GLN C 226 -7.89 -1.30 -9.54
CA GLN C 226 -9.02 -2.10 -9.08
C GLN C 226 -9.99 -1.26 -8.25
N ARG C 227 -9.45 -0.43 -7.37
CA ARG C 227 -10.27 0.44 -6.54
C ARG C 227 -11.13 1.38 -7.36
N ARG C 228 -10.64 1.81 -8.52
CA ARG C 228 -11.44 2.72 -9.33
C ARG C 228 -12.46 1.93 -10.15
N ILE C 229 -12.05 0.77 -10.62
CA ILE C 229 -12.92 -0.08 -11.39
C ILE C 229 -14.10 -0.60 -10.59
N THR C 230 -13.88 -0.98 -9.33
CA THR C 230 -14.90 -1.63 -8.54
C THR C 230 -15.62 -0.64 -7.62
N MET C 231 -15.31 0.64 -7.76
CA MET C 231 -16.09 1.64 -7.05
C MET C 231 -17.59 1.36 -7.26
N PRO C 232 -18.39 1.44 -6.19
CA PRO C 232 -19.80 1.04 -6.30
C PRO C 232 -20.62 1.83 -7.32
N GLU C 233 -20.28 3.10 -7.50
CA GLU C 233 -20.94 3.90 -8.54
C GLU C 233 -20.76 3.32 -9.94
N ASN C 234 -19.81 2.41 -10.09
CA ASN C 234 -19.41 1.87 -11.38
C ASN C 234 -19.77 0.39 -11.49
N THR C 235 -20.52 -0.11 -10.51
CA THR C 235 -20.85 -1.52 -10.45
C THR C 235 -22.34 -1.78 -10.39
N ILE C 236 -22.69 -3.03 -10.64
CA ILE C 236 -24.06 -3.42 -10.42
C ILE C 236 -24.09 -4.77 -9.71
N ARG C 237 -24.98 -4.90 -8.72
CA ARG C 237 -25.13 -6.12 -7.95
C ARG C 237 -26.48 -6.78 -8.27
N TRP C 238 -26.44 -7.90 -8.96
CA TRP C 238 -27.68 -8.53 -9.39
C TRP C 238 -28.13 -9.58 -8.38
N ASN C 239 -29.36 -9.43 -7.90
CA ASN C 239 -29.98 -10.45 -7.05
C ASN C 239 -30.63 -11.50 -7.93
N TRP C 240 -30.05 -12.68 -7.98
CA TRP C 240 -30.54 -13.74 -8.87
C TRP C 240 -31.92 -14.31 -8.47
N ALA C 241 -32.83 -14.34 -9.44
CA ALA C 241 -34.14 -15.03 -9.34
C ALA C 241 -34.26 -16.12 -10.42
N PRO C 242 -34.92 -17.25 -10.09
CA PRO C 242 -35.19 -18.32 -11.06
C PRO C 242 -35.78 -17.78 -12.36
N GLY C 243 -35.28 -18.27 -13.48
CA GLY C 243 -35.67 -17.75 -14.77
C GLY C 243 -34.96 -16.45 -15.13
N ASP C 244 -33.87 -16.15 -14.42
CA ASP C 244 -33.07 -14.96 -14.71
C ASP C 244 -31.96 -15.28 -15.71
N VAL C 245 -31.87 -14.46 -16.75
CA VAL C 245 -30.72 -14.57 -17.65
C VAL C 245 -29.89 -13.27 -17.74
N ALA C 246 -28.59 -13.40 -17.45
CA ALA C 246 -27.66 -12.28 -17.55
C ALA C 246 -26.76 -12.46 -18.76
N ILE C 247 -26.49 -11.36 -19.43
CA ILE C 247 -25.56 -11.37 -20.55
C ILE C 247 -24.58 -10.20 -20.43
N TRP C 248 -23.28 -10.50 -20.36
CA TRP C 248 -22.26 -9.45 -20.17
C TRP C 248 -21.14 -9.42 -21.21
N ASP C 249 -20.72 -8.22 -21.55
CA ASP C 249 -19.61 -8.01 -22.48
C ASP C 249 -18.31 -8.15 -21.69
N ASN C 250 -17.56 -9.22 -21.97
CA ASN C 250 -16.35 -9.51 -21.21
C ASN C 250 -15.15 -8.67 -21.61
N ARG C 251 -15.37 -7.76 -22.56
CA ARG C 251 -14.27 -6.96 -23.12
C ARG C 251 -14.29 -5.55 -22.55
N ALA C 252 -15.23 -5.31 -21.63
CA ALA C 252 -15.48 -3.98 -21.11
C ALA C 252 -16.06 -4.08 -19.71
N THR C 253 -15.80 -5.22 -19.07
CA THR C 253 -16.27 -5.46 -17.71
C THR C 253 -15.36 -6.35 -16.91
N GLN C 254 -15.53 -6.28 -15.60
CA GLN C 254 -15.08 -7.30 -14.68
C GLN C 254 -16.32 -7.85 -13.99
N HIS C 255 -16.23 -9.06 -13.44
CA HIS C 255 -17.34 -9.60 -12.69
C HIS C 255 -16.87 -10.35 -11.44
N ARG C 256 -17.75 -10.48 -10.46
CA ARG C 256 -17.37 -11.09 -9.19
C ARG C 256 -18.53 -11.82 -8.52
N ALA C 257 -18.34 -13.12 -8.27
CA ALA C 257 -19.31 -13.88 -7.49
C ALA C 257 -19.24 -13.50 -6.02
N ILE C 258 -20.40 -13.37 -5.40
CA ILE C 258 -20.45 -13.13 -3.96
C ILE C 258 -20.79 -14.43 -3.26
N ASP C 259 -20.04 -14.73 -2.21
CA ASP C 259 -20.10 -16.03 -1.56
C ASP C 259 -20.69 -15.93 -0.15
N ASP C 260 -21.94 -15.50 -0.08
CA ASP C 260 -22.61 -15.23 1.18
C ASP C 260 -23.84 -16.12 1.37
N TYR C 261 -23.78 -17.36 0.89
CA TYR C 261 -24.93 -18.27 1.02
C TYR C 261 -24.55 -19.57 1.74
N ASP C 262 -23.41 -19.55 2.42
CA ASP C 262 -22.99 -20.72 3.19
C ASP C 262 -22.77 -21.95 2.31
N ASP C 263 -23.29 -23.08 2.75
CA ASP C 263 -23.10 -24.33 2.02
C ASP C 263 -24.32 -24.68 1.17
N GLN C 264 -24.80 -23.73 0.37
CA GLN C 264 -25.96 -23.99 -0.45
C GLN C 264 -25.61 -24.11 -1.94
N HIS C 265 -26.01 -25.24 -2.53
CA HIS C 265 -25.87 -25.49 -3.95
C HIS C 265 -26.42 -24.32 -4.79
N ARG C 266 -25.51 -23.64 -5.48
CA ARG C 266 -25.91 -22.61 -6.44
C ARG C 266 -25.59 -23.09 -7.84
N LEU C 267 -26.63 -23.39 -8.61
CA LEU C 267 -26.44 -23.97 -9.93
C LEU C 267 -26.79 -22.98 -11.02
N MET C 268 -25.78 -22.64 -11.80
CA MET C 268 -25.94 -21.71 -12.90
C MET C 268 -25.51 -22.43 -14.15
N HIS C 269 -25.94 -21.96 -15.32
CA HIS C 269 -25.46 -22.55 -16.55
C HIS C 269 -24.99 -21.47 -17.51
N ARG C 270 -23.72 -21.59 -17.94
CA ARG C 270 -23.06 -20.56 -18.72
C ARG C 270 -22.75 -21.00 -20.15
N VAL C 271 -22.93 -20.07 -21.09
CA VAL C 271 -22.49 -20.26 -22.47
C VAL C 271 -21.55 -19.13 -22.83
N THR C 272 -20.28 -19.45 -23.02
CA THR C 272 -19.25 -18.43 -23.23
C THR C 272 -18.85 -18.29 -24.70
N LEU C 273 -19.04 -17.09 -25.27
CA LEU C 273 -18.75 -16.85 -26.69
C LEU C 273 -17.29 -16.54 -27.01
N MET C 274 -16.96 -16.50 -28.30
CA MET C 274 -15.57 -16.37 -28.73
C MET C 274 -15.16 -14.92 -28.92
N GLY C 275 -13.91 -14.61 -28.58
CA GLY C 275 -13.44 -13.24 -28.66
C GLY C 275 -12.07 -13.06 -29.28
N ASP C 276 -11.92 -11.97 -30.03
CA ASP C 276 -10.66 -11.62 -30.70
C ASP C 276 -9.59 -11.15 -29.72
N VAL C 277 -8.33 -11.23 -30.15
CA VAL C 277 -7.19 -10.80 -29.33
C VAL C 277 -7.19 -9.29 -29.15
N PRO C 278 -6.83 -8.83 -27.95
CA PRO C 278 -6.77 -7.40 -27.58
C PRO C 278 -5.69 -6.61 -28.32
N VAL C 279 -6.01 -5.39 -28.71
CA VAL C 279 -5.00 -4.43 -29.12
C VAL C 279 -5.00 -3.19 -28.23
N ASP C 280 -3.81 -2.61 -28.00
CA ASP C 280 -3.68 -1.41 -27.17
C ASP C 280 -3.89 -0.16 -28.03
N VAL C 281 -3.71 1.02 -27.46
CA VAL C 281 -4.05 2.25 -28.19
C VAL C 281 -3.14 2.54 -29.39
N TYR C 282 -2.13 1.69 -29.60
CA TYR C 282 -1.17 1.86 -30.70
C TYR C 282 -1.30 0.75 -31.72
N GLY C 283 -2.39 -0.01 -31.61
CA GLY C 283 -2.61 -1.15 -32.48
C GLY C 283 -1.83 -2.39 -32.09
N GLN C 284 -1.02 -2.29 -31.04
CA GLN C 284 -0.24 -3.45 -30.58
C GLN C 284 -1.17 -4.55 -30.10
N ALA C 285 -0.65 -5.77 -29.98
CA ALA C 285 -1.49 -6.92 -29.65
C ALA C 285 -0.91 -7.72 -28.50
N SER C 286 -1.73 -8.57 -27.90
CA SER C 286 -1.29 -9.39 -26.77
C SER C 286 -0.31 -10.49 -27.18
N ARG C 287 0.60 -10.82 -26.28
CA ARG C 287 1.59 -11.88 -26.51
C ARG C 287 1.40 -13.05 -25.55
N VAL C 288 1.88 -14.24 -25.93
CA VAL C 288 1.83 -15.39 -25.04
C VAL C 288 3.20 -15.80 -24.51
N ILE C 289 3.22 -16.25 -23.26
CA ILE C 289 4.45 -16.69 -22.62
C ILE C 289 4.19 -17.87 -21.67
N LEU D 7 -45.45 -15.24 14.90
CA LEU D 7 -46.35 -14.10 14.73
C LEU D 7 -46.12 -13.42 13.39
N ILE D 8 -44.96 -12.75 13.29
CA ILE D 8 -44.51 -12.07 12.08
C ILE D 8 -43.60 -13.00 11.28
N THR D 9 -42.85 -12.44 10.33
CA THR D 9 -41.97 -13.25 9.52
C THR D 9 -40.64 -12.55 9.31
N VAL D 10 -39.58 -13.35 9.20
CA VAL D 10 -38.23 -12.82 9.06
C VAL D 10 -37.46 -13.72 8.10
N LYS D 11 -36.88 -13.13 7.07
CA LYS D 11 -36.17 -13.90 6.06
C LYS D 11 -34.73 -13.40 5.90
N LYS D 12 -33.77 -14.31 5.93
CA LYS D 12 -32.38 -13.94 5.78
C LYS D 12 -32.09 -13.54 4.34
N LEU D 13 -31.50 -12.37 4.16
CA LEU D 13 -31.16 -11.90 2.83
C LEU D 13 -29.74 -12.30 2.42
N GLY D 14 -28.91 -12.63 3.42
CA GLY D 14 -27.53 -13.04 3.21
C GLY D 14 -26.93 -13.74 4.43
N SER D 15 -25.86 -14.50 4.21
CA SER D 15 -25.21 -15.29 5.26
C SER D 15 -24.63 -14.51 6.46
N ARG D 16 -24.23 -13.27 6.24
CA ARG D 16 -23.66 -12.47 7.30
C ARG D 16 -24.48 -11.24 7.68
N ILE D 17 -25.30 -10.75 6.77
CA ILE D 17 -26.04 -9.52 7.09
C ILE D 17 -27.39 -9.38 6.40
N GLY D 18 -28.27 -8.61 7.02
CA GLY D 18 -29.55 -8.24 6.42
C GLY D 18 -30.71 -9.23 6.53
N ALA D 19 -31.89 -8.71 6.84
CA ALA D 19 -33.08 -9.54 6.82
C ALA D 19 -34.29 -8.74 6.37
N GLN D 20 -35.23 -9.43 5.73
CA GLN D 20 -36.52 -8.82 5.45
C GLN D 20 -37.61 -9.38 6.39
N ILE D 21 -38.37 -8.45 6.95
CA ILE D 21 -39.45 -8.78 7.86
C ILE D 21 -40.82 -8.51 7.23
N ASP D 22 -41.67 -9.52 7.20
CA ASP D 22 -43.02 -9.38 6.65
C ASP D 22 -44.09 -9.59 7.72
N GLY D 23 -45.27 -9.03 7.46
CA GLY D 23 -46.42 -9.29 8.30
C GLY D 23 -46.75 -8.14 9.24
N VAL D 24 -46.09 -7.01 9.05
CA VAL D 24 -46.12 -5.92 10.03
C VAL D 24 -46.44 -4.57 9.39
N ARG D 25 -47.30 -3.80 10.06
CA ARG D 25 -47.64 -2.46 9.61
C ARG D 25 -47.05 -1.42 10.55
N LEU D 26 -45.86 -0.93 10.21
CA LEU D 26 -45.15 0.03 11.05
C LEU D 26 -46.01 1.24 11.49
N GLY D 27 -45.97 1.53 12.78
CA GLY D 27 -46.59 2.74 13.33
C GLY D 27 -46.43 2.80 14.83
N GLY D 28 -46.86 3.91 15.43
CA GLY D 28 -46.78 4.09 16.87
C GLY D 28 -47.80 3.33 17.72
N ASP D 29 -48.66 2.55 17.08
CA ASP D 29 -49.69 1.80 17.80
C ASP D 29 -49.36 0.32 17.71
N LEU D 30 -48.12 0.04 17.36
CA LEU D 30 -47.69 -1.33 17.11
C LEU D 30 -47.53 -2.15 18.41
N ASP D 31 -47.74 -3.44 18.25
CA ASP D 31 -47.74 -4.44 19.32
C ASP D 31 -46.40 -4.54 20.10
N PRO D 32 -46.47 -4.77 21.42
CA PRO D 32 -45.25 -4.90 22.21
C PRO D 32 -44.45 -6.13 21.76
N ALA D 33 -45.16 -7.23 21.56
CA ALA D 33 -44.51 -8.44 21.07
C ALA D 33 -43.93 -8.18 19.69
N ALA D 34 -44.67 -7.45 18.87
CA ALA D 34 -44.17 -7.10 17.54
C ALA D 34 -42.89 -6.31 17.65
N VAL D 35 -42.96 -5.18 18.36
CA VAL D 35 -41.81 -4.34 18.60
C VAL D 35 -40.61 -5.11 19.17
N ASN D 36 -40.87 -6.27 19.76
CA ASN D 36 -39.81 -7.08 20.38
C ASN D 36 -39.16 -8.06 19.43
N GLU D 37 -39.97 -8.63 18.53
CA GLU D 37 -39.43 -9.50 17.49
C GLU D 37 -38.58 -8.68 16.52
N ILE D 38 -38.74 -7.37 16.57
CA ILE D 38 -38.04 -6.49 15.63
C ILE D 38 -36.68 -6.06 16.18
N ARG D 39 -36.66 -5.60 17.42
CA ARG D 39 -35.40 -5.33 18.10
C ARG D 39 -34.57 -6.61 18.01
N ALA D 40 -35.18 -7.75 18.30
CA ALA D 40 -34.48 -9.02 18.17
C ALA D 40 -33.88 -9.20 16.78
N ALA D 41 -34.67 -8.92 15.75
CA ALA D 41 -34.23 -9.19 14.39
C ALA D 41 -33.12 -8.23 13.98
N LEU D 42 -33.25 -6.97 14.39
CA LEU D 42 -32.27 -5.93 14.17
C LEU D 42 -30.90 -6.28 14.76
N LEU D 43 -30.90 -6.63 16.03
CA LEU D 43 -29.67 -7.01 16.70
C LEU D 43 -29.00 -8.20 16.00
N ALA D 44 -29.77 -9.25 15.74
CA ALA D 44 -29.25 -10.47 15.09
C ALA D 44 -28.69 -10.25 13.67
N HIS D 45 -29.42 -9.48 12.85
CA HIS D 45 -29.15 -9.38 11.42
C HIS D 45 -28.56 -8.05 10.99
N LYS D 46 -28.45 -7.12 11.94
CA LYS D 46 -27.80 -5.83 11.74
C LYS D 46 -28.54 -4.80 10.89
N VAL D 47 -29.10 -5.23 9.75
CA VAL D 47 -30.00 -4.37 8.96
C VAL D 47 -31.28 -5.12 8.59
N VAL D 48 -32.43 -4.48 8.82
CA VAL D 48 -33.73 -5.11 8.53
C VAL D 48 -34.62 -4.26 7.62
N PHE D 49 -35.36 -4.92 6.75
CA PHE D 49 -36.16 -4.20 5.76
C PHE D 49 -37.62 -4.61 5.78
N PHE D 50 -38.48 -3.61 5.61
CA PHE D 50 -39.90 -3.79 5.43
C PHE D 50 -40.31 -3.18 4.09
N ARG D 51 -41.11 -3.93 3.34
CA ARG D 51 -41.71 -3.49 2.09
C ARG D 51 -43.17 -3.08 2.32
N GLY D 52 -43.78 -2.44 1.33
CA GLY D 52 -45.20 -2.16 1.37
C GLY D 52 -45.72 -1.21 2.44
N GLN D 53 -44.87 -0.34 2.97
CA GLN D 53 -45.28 0.54 4.06
C GLN D 53 -45.81 1.88 3.61
N HIS D 54 -46.74 1.88 2.64
CA HIS D 54 -47.19 3.14 2.02
C HIS D 54 -48.06 4.00 2.95
N GLN D 55 -48.39 3.46 4.13
CA GLN D 55 -49.19 4.19 5.10
C GLN D 55 -48.41 5.30 5.81
N LEU D 56 -47.09 5.14 5.89
CA LEU D 56 -46.23 6.06 6.63
C LEU D 56 -46.18 7.50 6.12
N ASP D 57 -46.34 8.45 7.04
CA ASP D 57 -45.80 9.80 6.88
C ASP D 57 -44.72 10.00 7.94
N ASP D 58 -44.35 11.23 8.24
CA ASP D 58 -43.23 11.47 9.14
C ASP D 58 -43.58 11.30 10.62
N ALA D 59 -44.82 11.63 10.97
CA ALA D 59 -45.27 11.57 12.36
C ALA D 59 -45.44 10.14 12.83
N GLU D 60 -45.76 9.25 11.89
CA GLU D 60 -45.99 7.85 12.25
C GLU D 60 -44.67 7.08 12.23
N GLN D 61 -43.76 7.46 11.33
CA GLN D 61 -42.42 6.90 11.31
C GLN D 61 -41.73 7.17 12.64
N LEU D 62 -41.80 8.43 13.06
CA LEU D 62 -41.36 8.86 14.37
C LEU D 62 -42.06 8.08 15.49
N ALA D 63 -43.39 8.17 15.53
CA ALA D 63 -44.16 7.42 16.52
C ALA D 63 -43.57 6.04 16.73
N PHE D 64 -43.25 5.36 15.63
CA PHE D 64 -42.70 4.01 15.70
C PHE D 64 -41.26 3.98 16.17
N ALA D 65 -40.50 5.04 15.85
CA ALA D 65 -39.11 5.14 16.30
C ALA D 65 -39.05 5.20 17.82
N GLY D 66 -40.12 5.70 18.43
CA GLY D 66 -40.21 5.85 19.87
C GLY D 66 -40.45 4.54 20.59
N LEU D 67 -40.95 3.53 19.88
CA LEU D 67 -41.18 2.23 20.49
C LEU D 67 -39.93 1.36 20.41
N LEU D 68 -38.88 1.89 19.82
CA LEU D 68 -37.62 1.18 19.69
C LEU D 68 -36.53 1.78 20.57
N GLY D 69 -36.61 3.09 20.78
CA GLY D 69 -35.63 3.78 21.60
C GLY D 69 -35.99 5.24 21.77
N THR D 70 -34.95 6.08 21.85
CA THR D 70 -35.15 7.52 21.95
C THR D 70 -34.66 8.25 20.71
N PRO D 71 -35.59 8.82 19.95
CA PRO D 71 -35.35 9.62 18.74
C PRO D 71 -34.58 10.92 18.98
N ILE D 72 -34.10 11.51 17.89
CA ILE D 72 -33.52 12.84 17.89
C ILE D 72 -34.34 13.72 16.96
N ASN D 98 -21.64 8.73 -1.54
CA ASN D 98 -20.67 9.14 -0.52
C ASN D 98 -19.61 8.06 -0.23
N ARG D 99 -19.07 8.05 0.98
CA ARG D 99 -18.05 7.07 1.37
C ARG D 99 -18.45 6.19 2.55
N TRP D 100 -17.93 4.96 2.58
CA TRP D 100 -18.17 4.03 3.67
C TRP D 100 -17.98 4.70 5.03
N HIS D 101 -18.88 4.45 5.99
CA HIS D 101 -18.78 5.12 7.28
C HIS D 101 -19.77 4.57 8.31
N THR D 102 -19.59 5.00 9.55
CA THR D 102 -20.57 4.80 10.61
C THR D 102 -21.01 6.17 11.02
N ASP D 103 -22.30 6.34 11.30
CA ASP D 103 -22.89 7.69 11.45
C ASP D 103 -22.31 8.56 12.57
N VAL D 104 -21.84 9.74 12.18
CA VAL D 104 -21.18 10.70 13.09
C VAL D 104 -20.36 10.07 14.25
N THR D 105 -19.37 9.27 13.89
CA THR D 105 -18.50 8.66 14.89
C THR D 105 -17.55 9.68 15.49
N PHE D 106 -17.36 10.80 14.81
CA PHE D 106 -16.55 11.86 15.39
C PHE D 106 -17.22 12.37 16.67
N ALA D 107 -18.42 11.84 16.94
CA ALA D 107 -19.12 12.13 18.19
C ALA D 107 -18.87 11.01 19.20
N ALA D 108 -18.62 11.40 20.45
CA ALA D 108 -18.42 10.42 21.51
C ALA D 108 -19.61 9.47 21.60
N ASN D 109 -20.80 10.01 21.83
CA ASN D 109 -22.01 9.19 21.83
C ASN D 109 -22.71 9.34 20.49
N TYR D 110 -22.39 8.45 19.57
CA TYR D 110 -23.01 8.53 18.26
C TYR D 110 -24.18 7.54 18.21
N PRO D 111 -25.15 7.83 17.32
CA PRO D 111 -26.44 7.15 17.17
C PRO D 111 -26.34 5.63 17.19
N ALA D 112 -27.33 4.99 17.79
CA ALA D 112 -27.36 3.53 17.94
C ALA D 112 -27.99 2.87 16.73
N ALA D 113 -28.92 3.57 16.09
CA ALA D 113 -29.70 2.98 15.03
C ALA D 113 -30.53 4.02 14.32
N SER D 114 -30.77 3.78 13.04
CA SER D 114 -31.56 4.70 12.25
C SER D 114 -32.79 4.01 11.62
N VAL D 115 -33.83 4.80 11.36
CA VAL D 115 -35.03 4.36 10.67
C VAL D 115 -35.17 5.21 9.41
N LEU D 116 -35.07 4.58 8.24
CA LEU D 116 -35.01 5.32 6.97
C LEU D 116 -36.07 4.82 5.98
N ARG D 117 -36.86 5.74 5.44
CA ARG D 117 -37.80 5.36 4.35
C ARG D 117 -37.61 6.19 3.08
N ALA D 118 -37.85 5.55 1.95
CA ALA D 118 -37.93 6.24 0.66
C ALA D 118 -39.14 7.18 0.62
N VAL D 119 -38.92 8.39 0.12
CA VAL D 119 -39.99 9.35 -0.14
C VAL D 119 -40.21 9.42 -1.66
N SER D 120 -39.20 9.90 -2.38
CA SER D 120 -39.19 9.81 -3.85
C SER D 120 -37.85 9.31 -4.38
N LEU D 121 -37.91 8.21 -5.12
CA LEU D 121 -36.72 7.55 -5.65
C LEU D 121 -36.46 7.93 -7.10
N PRO D 122 -35.19 7.82 -7.54
CA PRO D 122 -34.90 8.07 -8.95
C PRO D 122 -35.39 6.89 -9.77
N SER D 123 -35.32 6.97 -11.09
CA SER D 123 -35.82 5.89 -11.94
C SER D 123 -34.80 4.77 -12.09
N TYR D 124 -33.51 5.09 -11.93
CA TYR D 124 -32.48 4.06 -11.89
C TYR D 124 -31.47 4.40 -10.80
N GLY D 125 -30.67 3.40 -10.42
CA GLY D 125 -29.71 3.56 -9.33
C GLY D 125 -30.37 3.90 -8.00
N GLY D 126 -29.56 4.36 -7.05
CA GLY D 126 -30.07 4.81 -5.77
C GLY D 126 -30.04 3.75 -4.69
N SER D 127 -29.32 2.66 -4.93
CA SER D 127 -29.22 1.60 -3.92
C SER D 127 -28.28 2.01 -2.79
N THR D 128 -28.43 1.36 -1.63
CA THR D 128 -27.58 1.62 -0.46
C THR D 128 -26.85 0.36 -0.03
N LEU D 129 -25.67 0.54 0.56
CA LEU D 129 -24.87 -0.55 1.11
C LEU D 129 -24.77 -0.50 2.63
N TRP D 130 -24.78 -1.67 3.24
CA TRP D 130 -24.50 -1.82 4.65
C TRP D 130 -23.46 -2.92 4.76
N ALA D 131 -22.58 -2.79 5.75
CA ALA D 131 -21.60 -3.83 6.07
C ALA D 131 -21.69 -4.21 7.55
N ASN D 132 -21.45 -5.48 7.85
CA ASN D 132 -21.56 -5.98 9.22
C ASN D 132 -20.22 -5.90 9.99
N THR D 133 -20.05 -4.87 10.80
CA THR D 133 -18.80 -4.68 11.53
C THR D 133 -18.55 -5.74 12.60
N ALA D 134 -19.62 -6.31 13.15
CA ALA D 134 -19.48 -7.34 14.19
C ALA D 134 -18.93 -8.62 13.60
N ALA D 135 -19.53 -9.09 12.51
CA ALA D 135 -19.02 -10.25 11.80
C ALA D 135 -17.60 -10.01 11.30
N ALA D 136 -17.27 -8.76 10.99
CA ALA D 136 -15.94 -8.45 10.44
C ALA D 136 -14.87 -8.72 11.49
N TYR D 137 -15.13 -8.24 12.71
CA TYR D 137 -14.29 -8.53 13.85
C TYR D 137 -14.11 -10.04 14.04
N ALA D 138 -15.23 -10.72 14.22
CA ALA D 138 -15.27 -12.16 14.45
C ALA D 138 -14.40 -12.91 13.44
N GLU D 139 -14.46 -12.48 12.19
CA GLU D 139 -13.74 -13.11 11.10
C GLU D 139 -12.24 -12.76 11.06
N LEU D 140 -11.80 -11.79 11.85
CA LEU D 140 -10.40 -11.40 11.88
C LEU D 140 -9.53 -12.53 12.40
N PRO D 141 -8.38 -12.74 11.76
CA PRO D 141 -7.29 -13.58 12.28
C PRO D 141 -6.84 -13.03 13.63
N GLU D 142 -6.51 -13.93 14.55
CA GLU D 142 -6.06 -13.57 15.89
C GLU D 142 -5.07 -12.39 15.91
N PRO D 143 -4.02 -12.46 15.07
CA PRO D 143 -3.09 -11.33 15.02
C PRO D 143 -3.83 -10.00 14.85
N LEU D 144 -4.79 -9.96 13.93
CA LEU D 144 -5.57 -8.73 13.66
C LEU D 144 -6.55 -8.43 14.78
N LYS D 145 -7.11 -9.48 15.37
CA LYS D 145 -7.93 -9.30 16.56
C LYS D 145 -7.11 -8.56 17.62
N CYS D 146 -5.98 -9.14 18.00
CA CYS D 146 -5.11 -8.54 19.00
C CYS D 146 -4.72 -7.10 18.65
N LEU D 147 -4.37 -6.85 17.40
CA LEU D 147 -4.12 -5.48 16.97
C LEU D 147 -5.30 -4.54 17.26
N THR D 148 -6.46 -4.86 16.68
CA THR D 148 -7.64 -3.99 16.79
C THR D 148 -8.23 -3.86 18.20
N GLU D 149 -8.09 -4.90 19.00
CA GLU D 149 -8.54 -4.83 20.39
C GLU D 149 -7.71 -3.82 21.18
N ASN D 150 -6.57 -3.44 20.61
CA ASN D 150 -5.60 -2.59 21.30
C ASN D 150 -5.36 -1.28 20.59
N LEU D 151 -6.09 -1.09 19.51
CA LEU D 151 -5.94 0.07 18.64
C LEU D 151 -7.00 1.12 18.94
N TRP D 152 -6.62 2.40 18.81
CA TRP D 152 -7.57 3.49 18.98
C TRP D 152 -7.47 4.46 17.79
N ALA D 153 -8.60 5.02 17.36
CA ALA D 153 -8.59 5.91 16.21
C ALA D 153 -9.08 7.32 16.52
N LEU D 154 -8.62 8.26 15.73
CA LEU D 154 -9.04 9.65 15.82
C LEU D 154 -10.11 9.94 14.76
N HIS D 155 -11.33 10.25 15.23
CA HIS D 155 -12.47 10.57 14.37
C HIS D 155 -12.79 12.05 14.39
N THR D 156 -12.53 12.74 13.29
CA THR D 156 -12.90 14.14 13.20
C THR D 156 -13.99 14.37 12.15
N ASN D 157 -14.13 15.60 11.71
CA ASN D 157 -15.18 15.94 10.75
C ASN D 157 -14.67 16.67 9.51
N ARG D 158 -15.27 16.35 8.37
CA ARG D 158 -15.04 17.08 7.13
C ARG D 158 -13.60 16.95 6.62
N ARG D 184 -14.01 15.86 16.97
CA ARG D 184 -12.74 15.17 17.13
C ARG D 184 -12.73 14.28 18.37
N THR D 185 -12.98 12.99 18.17
CA THR D 185 -13.06 12.02 19.26
C THR D 185 -12.17 10.81 18.99
N GLU D 186 -11.60 10.24 20.05
CA GLU D 186 -10.84 8.99 19.97
C GLU D 186 -11.70 7.81 20.41
N HIS D 187 -11.86 6.83 19.53
CA HIS D 187 -12.62 5.63 19.88
C HIS D 187 -11.76 4.38 19.87
N PRO D 188 -12.19 3.35 20.60
CA PRO D 188 -11.67 2.00 20.36
C PRO D 188 -11.93 1.64 18.90
N VAL D 189 -11.07 0.81 18.32
CA VAL D 189 -11.34 0.28 16.99
C VAL D 189 -12.12 -1.02 17.12
N VAL D 190 -12.21 -1.51 18.36
CA VAL D 190 -13.16 -2.54 18.70
C VAL D 190 -13.99 -2.05 19.88
N ARG D 191 -15.31 -2.01 19.72
CA ARG D 191 -16.18 -1.68 20.84
C ARG D 191 -17.04 -2.89 21.16
N VAL D 192 -17.28 -3.12 22.45
CA VAL D 192 -18.22 -4.16 22.87
C VAL D 192 -19.63 -3.60 22.70
N HIS D 193 -20.50 -4.39 22.09
CA HIS D 193 -21.86 -3.96 21.84
C HIS D 193 -22.64 -4.01 23.14
N PRO D 194 -23.17 -2.84 23.54
CA PRO D 194 -23.87 -2.64 24.80
C PRO D 194 -25.11 -3.52 24.97
N GLU D 195 -25.52 -4.27 23.95
CA GLU D 195 -26.72 -5.10 24.03
C GLU D 195 -26.46 -6.56 23.70
N THR D 196 -25.56 -6.80 22.75
CA THR D 196 -25.25 -8.16 22.36
C THR D 196 -23.94 -8.66 23.00
N GLY D 197 -23.15 -7.72 23.51
CA GLY D 197 -21.81 -8.05 23.98
C GLY D 197 -20.90 -8.46 22.84
N GLU D 198 -21.44 -8.50 21.63
CA GLU D 198 -20.63 -8.77 20.46
C GLU D 198 -19.54 -7.72 20.34
N ARG D 199 -18.38 -8.14 19.89
CA ARG D 199 -17.31 -7.20 19.57
C ARG D 199 -17.51 -6.73 18.13
N THR D 200 -17.40 -5.42 17.91
CA THR D 200 -17.54 -4.84 16.57
C THR D 200 -16.40 -3.88 16.23
N LEU D 201 -16.08 -3.77 14.95
CA LEU D 201 -15.04 -2.86 14.48
C LEU D 201 -15.57 -1.45 14.27
N LEU D 202 -14.96 -0.48 14.95
CA LEU D 202 -15.34 0.92 14.81
C LEU D 202 -14.28 1.72 14.05
N ALA D 203 -14.41 1.73 12.73
CA ALA D 203 -13.58 2.56 11.85
C ALA D 203 -14.46 3.44 10.98
N GLY D 204 -14.21 3.44 9.68
CA GLY D 204 -15.04 4.19 8.75
C GLY D 204 -14.41 5.52 8.37
N ASP D 205 -15.04 6.19 7.41
CA ASP D 205 -14.40 7.33 6.75
C ASP D 205 -14.10 8.54 7.65
N PHE D 206 -14.65 8.57 8.86
CA PHE D 206 -14.37 9.66 9.79
C PHE D 206 -13.00 9.55 10.50
N VAL D 207 -12.35 8.40 10.36
CA VAL D 207 -11.03 8.21 10.93
C VAL D 207 -9.99 9.08 10.22
N ARG D 208 -9.28 9.88 11.02
CA ARG D 208 -8.16 10.65 10.51
C ARG D 208 -6.84 9.93 10.81
N SER D 209 -6.79 9.17 11.90
CA SER D 209 -5.56 8.50 12.28
C SER D 209 -5.72 7.41 13.34
N PHE D 210 -4.71 6.56 13.47
CA PHE D 210 -4.64 5.65 14.62
C PHE D 210 -3.64 6.17 15.67
N VAL D 211 -4.11 6.30 16.91
CA VAL D 211 -3.27 6.75 18.02
C VAL D 211 -1.96 5.99 18.09
N GLY D 212 -0.84 6.71 18.06
CA GLY D 212 0.47 6.09 18.22
C GLY D 212 1.14 5.65 16.94
N LEU D 213 0.41 5.65 15.84
CA LEU D 213 0.96 5.29 14.55
C LEU D 213 1.21 6.53 13.72
N ASP D 214 2.08 6.43 12.72
CA ASP D 214 2.34 7.57 11.83
C ASP D 214 1.37 7.58 10.65
N SER D 215 1.48 8.56 9.76
CA SER D 215 0.50 8.74 8.68
C SER D 215 0.47 7.62 7.64
N HIS D 216 1.62 7.05 7.32
CA HIS D 216 1.65 5.97 6.34
C HIS D 216 1.12 4.69 6.98
N GLU D 217 1.37 4.52 8.26
CA GLU D 217 0.90 3.36 9.00
C GLU D 217 -0.60 3.39 9.19
N SER D 218 -1.10 4.55 9.59
CA SER D 218 -2.53 4.71 9.78
C SER D 218 -3.31 4.34 8.51
N ARG D 219 -2.97 4.96 7.39
CA ARG D 219 -3.73 4.74 6.17
C ARG D 219 -3.66 3.28 5.75
N VAL D 220 -2.47 2.73 5.75
CA VAL D 220 -2.30 1.37 5.30
C VAL D 220 -3.13 0.39 6.14
N LEU D 221 -3.23 0.66 7.43
CA LEU D 221 -3.95 -0.25 8.32
C LEU D 221 -5.46 -0.07 8.21
N PHE D 222 -5.88 1.18 8.06
CA PHE D 222 -7.27 1.53 7.84
C PHE D 222 -7.82 0.83 6.58
N GLU D 223 -7.01 0.72 5.53
CA GLU D 223 -7.48 0.11 4.30
C GLU D 223 -7.58 -1.37 4.46
N VAL D 224 -6.61 -1.94 5.18
CA VAL D 224 -6.63 -3.36 5.49
C VAL D 224 -7.94 -3.70 6.16
N LEU D 225 -8.30 -2.89 7.16
CA LEU D 225 -9.54 -3.11 7.92
C LEU D 225 -10.78 -2.89 7.06
N GLN D 226 -10.80 -1.76 6.35
CA GLN D 226 -11.95 -1.38 5.52
C GLN D 226 -12.21 -2.38 4.41
N ARG D 227 -11.15 -2.98 3.89
CA ARG D 227 -11.25 -3.98 2.86
C ARG D 227 -11.94 -5.24 3.41
N ARG D 228 -11.64 -5.60 4.65
CA ARG D 228 -12.30 -6.75 5.29
C ARG D 228 -13.75 -6.42 5.62
N ILE D 229 -13.97 -5.26 6.24
CA ILE D 229 -15.30 -4.78 6.62
C ILE D 229 -16.27 -4.64 5.43
N THR D 230 -15.79 -4.20 4.28
CA THR D 230 -16.67 -3.90 3.15
C THR D 230 -16.58 -5.00 2.10
N MET D 231 -15.98 -6.12 2.46
CA MET D 231 -16.01 -7.30 1.60
C MET D 231 -17.46 -7.63 1.17
N PRO D 232 -17.68 -7.84 -0.13
CA PRO D 232 -19.03 -8.15 -0.63
C PRO D 232 -19.78 -9.22 0.18
N GLU D 233 -19.12 -10.33 0.48
CA GLU D 233 -19.69 -11.41 1.29
C GLU D 233 -20.29 -10.88 2.60
N ASN D 234 -19.85 -9.70 3.01
CA ASN D 234 -20.15 -9.18 4.34
C ASN D 234 -20.99 -7.90 4.30
N THR D 235 -21.60 -7.65 3.16
CA THR D 235 -22.38 -6.44 2.99
C THR D 235 -23.72 -6.77 2.34
N ILE D 236 -24.64 -5.80 2.40
CA ILE D 236 -25.88 -5.91 1.64
C ILE D 236 -26.13 -4.64 0.84
N ARG D 237 -26.57 -4.81 -0.40
CA ARG D 237 -26.87 -3.70 -1.30
C ARG D 237 -28.38 -3.68 -1.57
N TRP D 238 -29.07 -2.66 -1.08
CA TRP D 238 -30.52 -2.61 -1.12
C TRP D 238 -31.06 -1.74 -2.23
N ASN D 239 -31.85 -2.33 -3.12
CA ASN D 239 -32.55 -1.58 -4.16
C ASN D 239 -33.89 -1.02 -3.69
N TRP D 240 -33.92 0.28 -3.40
CA TRP D 240 -35.11 0.95 -2.92
C TRP D 240 -36.35 0.89 -3.85
N ALA D 241 -37.52 0.74 -3.24
CA ALA D 241 -38.81 0.84 -3.92
C ALA D 241 -39.73 1.67 -3.03
N PRO D 242 -40.72 2.36 -3.62
CA PRO D 242 -41.59 3.07 -2.67
C PRO D 242 -42.24 2.16 -1.63
N GLY D 243 -42.52 2.70 -0.45
CA GLY D 243 -43.03 1.91 0.67
C GLY D 243 -41.94 1.21 1.49
N ASP D 244 -40.70 1.37 1.06
CA ASP D 244 -39.58 0.67 1.68
C ASP D 244 -39.04 1.37 2.93
N VAL D 245 -38.77 0.58 3.96
CA VAL D 245 -38.20 1.09 5.19
C VAL D 245 -37.01 0.25 5.67
N ALA D 246 -35.90 0.92 5.89
CA ALA D 246 -34.71 0.26 6.43
C ALA D 246 -34.41 0.70 7.85
N ILE D 247 -34.11 -0.28 8.71
CA ILE D 247 -33.62 -0.04 10.06
C ILE D 247 -32.30 -0.76 10.28
N TRP D 248 -31.30 -0.02 10.76
CA TRP D 248 -30.00 -0.62 11.06
C TRP D 248 -29.40 -0.21 12.41
N ASP D 249 -28.56 -1.10 12.95
CA ASP D 249 -27.79 -0.84 14.17
C ASP D 249 -26.49 -0.10 13.79
N ASN D 250 -26.43 1.19 14.09
CA ASN D 250 -25.24 1.99 13.80
C ASN D 250 -24.03 1.54 14.63
N ARG D 251 -24.27 0.73 15.66
CA ARG D 251 -23.19 0.26 16.53
C ARG D 251 -22.61 -1.08 16.08
N ALA D 252 -23.06 -1.58 14.94
CA ALA D 252 -22.56 -2.83 14.40
C ALA D 252 -22.51 -2.84 12.87
N THR D 253 -22.62 -1.67 12.28
CA THR D 253 -22.58 -1.54 10.81
C THR D 253 -21.79 -0.34 10.30
N GLN D 254 -21.49 -0.37 9.01
CA GLN D 254 -21.12 0.83 8.28
C GLN D 254 -22.16 0.88 7.18
N HIS D 255 -22.35 2.05 6.57
CA HIS D 255 -23.23 2.17 5.41
C HIS D 255 -22.70 3.18 4.41
N ARG D 256 -23.12 3.05 3.15
CA ARG D 256 -22.61 3.95 2.13
C ARG D 256 -23.67 4.15 1.07
N ALA D 257 -23.93 5.41 0.71
CA ALA D 257 -24.82 5.72 -0.40
C ALA D 257 -24.08 5.51 -1.73
N ILE D 258 -24.83 5.26 -2.78
CA ILE D 258 -24.26 5.07 -4.11
C ILE D 258 -24.81 6.18 -5.02
N ASP D 259 -23.90 6.93 -5.61
CA ASP D 259 -24.24 8.11 -6.40
C ASP D 259 -24.33 7.70 -7.87
N ASP D 260 -25.40 7.00 -8.25
CA ASP D 260 -25.47 6.40 -9.57
C ASP D 260 -26.79 6.64 -10.29
N TYR D 261 -27.41 7.77 -9.96
CA TYR D 261 -28.67 8.14 -10.58
C TYR D 261 -28.56 9.52 -11.22
N ASP D 262 -27.33 9.87 -11.62
CA ASP D 262 -27.03 11.16 -12.23
C ASP D 262 -27.64 12.31 -11.45
N ASP D 263 -28.29 13.23 -12.15
CA ASP D 263 -28.86 14.38 -11.46
C ASP D 263 -30.29 14.16 -10.94
N GLN D 264 -30.84 12.96 -11.08
CA GLN D 264 -32.22 12.76 -10.65
C GLN D 264 -32.31 13.17 -9.19
N HIS D 265 -33.52 13.46 -8.74
CA HIS D 265 -33.73 13.87 -7.37
C HIS D 265 -34.09 12.64 -6.53
N ARG D 266 -33.60 12.61 -5.31
CA ARG D 266 -33.75 11.44 -4.46
C ARG D 266 -33.94 11.93 -3.05
N LEU D 267 -35.00 11.46 -2.41
CA LEU D 267 -35.40 12.03 -1.15
C LEU D 267 -35.79 10.94 -0.15
N MET D 268 -35.25 11.07 1.04
CA MET D 268 -35.35 10.05 2.05
C MET D 268 -35.71 10.75 3.35
N HIS D 269 -36.49 10.07 4.19
CA HIS D 269 -36.80 10.58 5.51
C HIS D 269 -36.22 9.63 6.56
N ARG D 270 -35.49 10.20 7.51
CA ARG D 270 -34.73 9.39 8.45
C ARG D 270 -34.93 9.85 9.89
N VAL D 271 -35.17 8.89 10.77
CA VAL D 271 -35.18 9.15 12.20
C VAL D 271 -33.99 8.46 12.86
N THR D 272 -33.34 9.17 13.78
CA THR D 272 -32.14 8.65 14.43
C THR D 272 -32.35 8.46 15.92
N LEU D 273 -31.98 7.30 16.45
CA LEU D 273 -32.05 7.07 17.88
C LEU D 273 -30.75 7.48 18.59
N MET D 274 -30.80 7.50 19.92
CA MET D 274 -29.65 7.92 20.72
C MET D 274 -28.72 6.76 21.01
N GLY D 275 -27.43 6.96 20.75
CA GLY D 275 -26.44 5.95 21.03
C GLY D 275 -25.55 6.32 22.19
N ASP D 276 -25.08 5.33 22.93
CA ASP D 276 -24.18 5.57 24.06
C ASP D 276 -22.73 5.74 23.62
N VAL D 277 -21.82 5.70 24.60
CA VAL D 277 -20.39 5.84 24.34
C VAL D 277 -19.76 4.46 24.21
N PRO D 278 -18.90 4.29 23.20
CA PRO D 278 -18.28 2.97 23.02
C PRO D 278 -17.26 2.65 24.12
N VAL D 279 -17.22 1.38 24.48
CA VAL D 279 -16.24 0.90 25.44
C VAL D 279 -15.47 -0.27 24.84
N ASP D 280 -14.15 -0.29 25.01
CA ASP D 280 -13.36 -1.39 24.47
C ASP D 280 -13.47 -2.62 25.36
N VAL D 281 -12.74 -3.68 25.01
CA VAL D 281 -12.79 -4.93 25.75
C VAL D 281 -12.07 -4.87 27.11
N TYR D 282 -11.52 -3.71 27.45
CA TYR D 282 -10.92 -3.55 28.78
C TYR D 282 -11.80 -2.65 29.63
N GLY D 283 -12.99 -2.36 29.13
CA GLY D 283 -13.94 -1.53 29.84
C GLY D 283 -13.59 -0.06 29.69
N GLN D 284 -12.70 0.24 28.74
CA GLN D 284 -12.25 1.60 28.51
C GLN D 284 -13.21 2.36 27.60
N ALA D 285 -13.24 3.69 27.76
CA ALA D 285 -14.22 4.51 27.09
C ALA D 285 -13.58 5.61 26.25
N SER D 286 -14.29 6.02 25.20
CA SER D 286 -13.82 7.09 24.33
C SER D 286 -13.58 8.38 25.10
N NO3 E . 10.01 43.01 -0.06
O1 NO3 E . 10.10 42.69 1.30
O2 NO3 E . 11.03 43.75 -0.65
O3 NO3 E . 8.89 42.60 -0.81
#